data_6BWM
#
_entry.id   6BWM
#
_cell.length_a   92.028
_cell.length_b   122.356
_cell.length_c   187.209
_cell.angle_alpha   90.00
_cell.angle_beta   90.00
_cell.angle_gamma   90.00
#
_symmetry.space_group_name_H-M   'P 2 21 21'
#
loop_
_entity.id
_entity.type
_entity.pdbx_description
1 polymer 'Transient receptor potential cation channel subfamily V member 2'
2 non-polymer 'CALCIUM ION'
#
_entity_poly.entity_id   1
_entity_poly.type   'polypeptide(L)'
_entity_poly.pdbx_seq_one_letter_code
;TSPSSPPAFRLETSDGGQDGAEVDKAQLGYGAGPPPMESRFQDEDRNFPPQIKVNLNYRKGAGASQPDLNRFDRDRLFNV
VARGNPEDLAGLLEYLRRTSKYLTDSEYTEGSTGKTCLMKAVLNLQDGVNACIQPLLEIDRDSGNPQPLVNAQCTDEYYR
GHSALHIAIEKRSLQCVKLLVENGANVHAKACGHFFQKNQDTCFYFGELPLSLAACTKQWDVVNYLLENPHQPASLQAQD
SLGNTVLHALVMIADDSAENSALVVRMYDGLLQAGARLCPNVQLEGIPNLEGLTPLKLAAKEGKIEIFKHILQREFSAPC
QSLSRKFTEWCYGPVRVSLYDLASVDSWEENSVLEIIAFHSRSPHRHRMVVLEPLNKLLQAKWDRLIPRFCFNFLCYLVY
MLIFTAVAYHQPALEKQGFPPLKATAGNSMLLLGHILILLGGVYLLLGQLWYFWRRRLFIWISFMDSYFEILFLLQALLT
VLSQVLCFLAIEWYLPLLVSSLVLGWLNLLYYTRGFQHTGIYSVMIQKVILRDLLRFLLVYLVFLFGFAVALVSLSREAQ
NSRTPAGPNATEVGQPGAGQEDEAPPYRSILDASLELFKFTIGMGELAFQEQLRFRGVVLLLLLAYVLLTYVLLLNMLIA
LMSETVNSVATDSWSIWKLQKAISVLEMENGYWWCRRKKQRAGVMLTVGTRPDGSPDERWCFRVGEMNWATWEQTLPRTL
CEEPSGAAAPGVMKNPTPASQRGEDSASEEDHLPLQLLQSRDYKDDDDKAHHHHHH
;
_entity_poly.pdbx_strand_id   A,B
#
loop_
_chem_comp.id
_chem_comp.type
_chem_comp.name
_chem_comp.formula
CA non-polymer 'CALCIUM ION' 'Ca 2'
#
# COMPACT_ATOMS: atom_id res chain seq x y z
N ASP A 68 40.48 -29.35 -26.59
CA ASP A 68 41.48 -29.47 -27.63
C ASP A 68 41.13 -30.60 -28.58
N LEU A 69 42.09 -31.49 -28.83
CA LEU A 69 41.86 -32.61 -29.73
C LEU A 69 41.01 -33.70 -29.09
N ASN A 70 41.19 -33.95 -27.80
CA ASN A 70 40.61 -35.13 -27.14
C ASN A 70 39.24 -34.87 -26.54
N ARG A 71 39.08 -33.77 -25.79
CA ARG A 71 37.81 -33.50 -25.15
C ARG A 71 37.68 -32.01 -24.83
N PHE A 72 36.43 -31.53 -24.84
CA PHE A 72 36.12 -30.13 -24.52
C PHE A 72 34.71 -30.12 -23.93
N ASP A 73 34.60 -30.12 -22.60
CA ASP A 73 33.29 -30.18 -21.97
C ASP A 73 32.55 -28.84 -22.07
N ARG A 74 31.28 -28.88 -21.68
CA ARG A 74 30.45 -27.67 -21.60
C ARG A 74 30.87 -26.78 -20.44
N ASP A 75 31.20 -27.38 -19.29
CA ASP A 75 31.48 -26.59 -18.09
C ASP A 75 32.71 -25.73 -18.26
N ARG A 76 33.77 -26.30 -18.84
CA ARG A 76 34.96 -25.51 -19.12
C ARG A 76 34.66 -24.37 -20.07
N LEU A 77 33.80 -24.61 -21.06
CA LEU A 77 33.46 -23.56 -22.03
C LEU A 77 32.73 -22.41 -21.36
N PHE A 78 31.75 -22.72 -20.53
CA PHE A 78 31.03 -21.67 -19.81
C PHE A 78 31.98 -20.89 -18.91
N ASN A 79 32.85 -21.58 -18.18
CA ASN A 79 33.78 -20.88 -17.30
C ASN A 79 34.78 -20.03 -18.09
N VAL A 80 35.20 -20.50 -19.27
CA VAL A 80 36.17 -19.76 -20.07
C VAL A 80 35.55 -18.50 -20.64
N VAL A 81 34.32 -18.59 -21.14
CA VAL A 81 33.69 -17.39 -21.68
C VAL A 81 33.19 -16.47 -20.58
N ALA A 82 32.99 -16.98 -19.35
CA ALA A 82 32.65 -16.08 -18.25
C ALA A 82 33.89 -15.34 -17.75
N ARG A 83 35.04 -16.01 -17.78
CA ARG A 83 36.26 -15.37 -17.29
C ARG A 83 36.70 -14.25 -18.23
N GLY A 84 36.46 -14.40 -19.53
CA GLY A 84 36.76 -13.35 -20.48
C GLY A 84 38.12 -13.42 -21.13
N ASN A 85 38.81 -14.57 -21.05
CA ASN A 85 40.10 -14.73 -21.69
C ASN A 85 39.94 -15.56 -22.96
N PRO A 86 40.25 -15.01 -24.14
CA PRO A 86 40.08 -15.79 -25.38
C PRO A 86 41.17 -16.83 -25.60
N GLU A 87 42.33 -16.69 -24.96
CA GLU A 87 43.41 -17.64 -25.18
C GLU A 87 43.07 -19.03 -24.66
N ASP A 88 42.12 -19.14 -23.74
CA ASP A 88 41.65 -20.44 -23.28
C ASP A 88 40.68 -21.10 -24.26
N LEU A 89 40.26 -20.40 -25.31
CA LEU A 89 39.43 -20.99 -26.35
C LEU A 89 40.25 -21.79 -27.36
N ALA A 90 41.55 -21.94 -27.13
CA ALA A 90 42.41 -22.69 -28.02
C ALA A 90 42.01 -24.17 -28.06
N GLY A 91 41.96 -24.74 -29.26
CA GLY A 91 41.69 -26.14 -29.44
C GLY A 91 40.23 -26.50 -29.63
N LEU A 92 39.31 -25.55 -29.44
CA LEU A 92 37.89 -25.86 -29.61
C LEU A 92 37.57 -26.19 -31.06
N LEU A 93 38.17 -25.46 -32.00
CA LEU A 93 37.87 -25.67 -33.42
C LEU A 93 38.32 -27.05 -33.87
N GLU A 94 39.48 -27.51 -33.42
CA GLU A 94 39.93 -28.85 -33.76
C GLU A 94 38.99 -29.90 -33.19
N TYR A 95 38.48 -29.68 -31.97
CA TYR A 95 37.55 -30.63 -31.38
C TYR A 95 36.24 -30.68 -32.16
N LEU A 96 35.76 -29.52 -32.61
CA LEU A 96 34.50 -29.48 -33.34
C LEU A 96 34.65 -30.07 -34.73
N ARG A 97 35.84 -29.94 -35.34
CA ARG A 97 36.07 -30.58 -36.62
C ARG A 97 36.24 -32.10 -36.48
N ARG A 98 36.84 -32.56 -35.39
CA ARG A 98 37.08 -33.99 -35.24
C ARG A 98 35.80 -34.72 -34.82
N THR A 99 35.10 -34.21 -33.81
CA THR A 99 33.90 -34.88 -33.33
C THR A 99 32.66 -34.51 -34.13
N SER A 100 32.74 -33.49 -35.00
CA SER A 100 31.62 -33.06 -35.83
C SER A 100 30.43 -32.63 -34.98
N LYS A 101 30.69 -31.73 -34.03
CA LYS A 101 29.66 -31.18 -33.17
C LYS A 101 29.60 -29.67 -33.33
N TYR A 102 28.40 -29.12 -33.15
CA TYR A 102 28.18 -27.69 -33.23
C TYR A 102 27.88 -27.14 -31.84
N LEU A 103 28.03 -25.82 -31.70
CA LEU A 103 27.83 -25.17 -30.42
C LEU A 103 26.36 -25.10 -30.03
N THR A 104 25.45 -25.25 -30.99
CA THR A 104 24.02 -25.25 -30.71
C THR A 104 23.47 -26.64 -30.40
N ASP A 105 24.34 -27.65 -30.33
CA ASP A 105 23.88 -29.00 -30.05
C ASP A 105 23.43 -29.11 -28.59
N SER A 106 22.79 -30.23 -28.28
CA SER A 106 22.22 -30.40 -26.94
C SER A 106 23.29 -30.51 -25.86
N GLU A 107 24.52 -30.87 -26.23
CA GLU A 107 25.59 -30.94 -25.24
C GLU A 107 26.00 -29.54 -24.78
N TYR A 108 26.11 -28.60 -25.71
CA TYR A 108 26.60 -27.25 -25.44
C TYR A 108 25.50 -26.26 -25.08
N THR A 109 24.25 -26.71 -24.92
CA THR A 109 23.20 -25.86 -24.40
C THR A 109 23.06 -26.08 -22.90
N GLU A 110 22.15 -25.33 -22.28
CA GLU A 110 21.84 -25.56 -20.88
C GLU A 110 20.98 -26.78 -20.66
N GLY A 111 20.38 -27.33 -21.70
CA GLY A 111 19.48 -28.45 -21.50
C GLY A 111 18.09 -28.10 -21.06
N SER A 112 17.96 -27.21 -20.07
CA SER A 112 16.65 -26.85 -19.54
C SER A 112 16.03 -25.65 -20.27
N THR A 113 16.75 -24.54 -20.31
CA THR A 113 16.22 -23.32 -20.93
C THR A 113 16.67 -23.09 -22.36
N GLY A 114 17.75 -23.73 -22.80
CA GLY A 114 18.29 -23.50 -24.13
C GLY A 114 19.38 -22.47 -24.19
N LYS A 115 19.97 -22.11 -23.05
CA LYS A 115 21.00 -21.08 -22.98
C LYS A 115 22.28 -21.54 -23.69
N THR A 116 22.81 -20.67 -24.54
CA THR A 116 23.99 -20.97 -25.35
C THR A 116 25.24 -20.42 -24.67
N CYS A 117 26.40 -20.83 -25.20
CA CYS A 117 27.66 -20.26 -24.73
C CYS A 117 27.78 -18.79 -25.10
N LEU A 118 27.17 -18.39 -26.23
CA LEU A 118 27.17 -16.98 -26.60
C LEU A 118 26.36 -16.15 -25.61
N MET A 119 25.22 -16.69 -25.14
CA MET A 119 24.44 -15.99 -24.13
C MET A 119 25.20 -15.87 -22.82
N LYS A 120 25.92 -16.94 -22.43
CA LYS A 120 26.75 -16.87 -21.24
C LYS A 120 27.87 -15.85 -21.40
N ALA A 121 28.41 -15.72 -22.62
CA ALA A 121 29.46 -14.74 -22.85
C ALA A 121 28.92 -13.32 -22.77
N VAL A 122 27.71 -13.09 -23.28
CA VAL A 122 27.17 -11.73 -23.26
C VAL A 122 26.66 -11.36 -21.87
N LEU A 123 26.17 -12.33 -21.09
CA LEU A 123 25.71 -12.04 -19.74
C LEU A 123 26.85 -11.53 -18.86
N ASN A 124 28.06 -12.05 -19.06
CA ASN A 124 29.22 -11.69 -18.24
C ASN A 124 30.09 -10.72 -19.04
N LEU A 125 29.75 -9.44 -18.93
CA LEU A 125 30.50 -8.36 -19.57
C LEU A 125 31.31 -7.65 -18.49
N GLN A 126 32.64 -7.62 -18.66
CA GLN A 126 33.48 -6.84 -17.75
C GLN A 126 33.42 -5.37 -18.12
N ASP A 127 33.65 -5.06 -19.41
CA ASP A 127 33.46 -3.72 -19.93
C ASP A 127 32.32 -3.80 -20.94
N GLY A 128 32.23 -2.81 -21.84
CA GLY A 128 31.24 -2.88 -22.89
C GLY A 128 31.39 -4.07 -23.79
N VAL A 129 32.57 -4.68 -23.83
CA VAL A 129 32.87 -5.81 -24.70
C VAL A 129 33.19 -7.04 -23.87
N ASN A 130 33.22 -8.18 -24.55
CA ASN A 130 33.71 -9.45 -24.03
C ASN A 130 34.61 -10.05 -25.10
N ALA A 131 35.79 -10.51 -24.69
CA ALA A 131 36.80 -10.91 -25.66
C ALA A 131 36.51 -12.26 -26.32
N CYS A 132 35.59 -13.05 -25.78
CA CYS A 132 35.30 -14.37 -26.33
C CYS A 132 34.25 -14.36 -27.43
N ILE A 133 33.53 -13.26 -27.63
CA ILE A 133 32.34 -13.29 -28.48
C ILE A 133 32.74 -13.46 -29.96
N GLN A 134 33.68 -12.63 -30.43
CA GLN A 134 34.07 -12.73 -31.83
C GLN A 134 34.81 -14.04 -32.11
N PRO A 135 35.66 -14.54 -31.19
CA PRO A 135 36.20 -15.89 -31.41
C PRO A 135 35.14 -16.97 -31.44
N LEU A 136 34.13 -16.90 -30.58
CA LEU A 136 33.07 -17.90 -30.60
C LEU A 136 32.31 -17.87 -31.92
N LEU A 137 32.02 -16.67 -32.43
CA LEU A 137 31.26 -16.57 -33.67
C LEU A 137 32.12 -16.96 -34.88
N GLU A 138 33.43 -16.66 -34.84
CA GLU A 138 34.32 -17.16 -35.87
C GLU A 138 34.40 -18.68 -35.86
N ILE A 139 34.41 -19.27 -34.67
CA ILE A 139 34.46 -20.73 -34.55
C ILE A 139 33.19 -21.35 -35.11
N ASP A 140 32.02 -20.78 -34.77
CA ASP A 140 30.77 -21.33 -35.27
C ASP A 140 30.62 -21.12 -36.77
N ARG A 141 31.18 -20.04 -37.31
CA ARG A 141 31.11 -19.81 -38.75
C ARG A 141 32.07 -20.73 -39.50
N ASP A 142 33.24 -21.01 -38.93
CA ASP A 142 34.18 -21.93 -39.55
C ASP A 142 33.76 -23.39 -39.43
N SER A 143 32.94 -23.72 -38.44
CA SER A 143 32.45 -25.08 -38.30
C SER A 143 31.28 -25.38 -39.24
N GLY A 144 30.75 -24.39 -39.95
CA GLY A 144 29.70 -24.65 -40.91
C GLY A 144 28.37 -25.02 -40.30
N ASN A 145 27.95 -24.32 -39.25
CA ASN A 145 26.72 -24.70 -38.53
C ASN A 145 25.50 -24.32 -39.35
N PRO A 146 24.58 -25.26 -39.58
CA PRO A 146 23.35 -24.88 -40.31
C PRO A 146 22.41 -24.00 -39.49
N GLN A 147 22.21 -24.32 -38.22
CA GLN A 147 21.50 -23.44 -37.31
C GLN A 147 22.53 -22.58 -36.58
N PRO A 148 22.68 -21.32 -36.97
CA PRO A 148 23.82 -20.53 -36.49
C PRO A 148 23.69 -20.20 -35.00
N LEU A 149 24.85 -19.94 -34.40
CA LEU A 149 24.90 -19.66 -32.96
C LEU A 149 24.27 -18.32 -32.63
N VAL A 150 24.40 -17.34 -33.52
CA VAL A 150 24.01 -15.97 -33.19
C VAL A 150 22.51 -15.84 -33.04
N ASN A 151 21.75 -16.53 -33.88
CA ASN A 151 20.30 -16.44 -33.88
C ASN A 151 19.63 -17.49 -33.00
N ALA A 152 20.41 -18.25 -32.23
CA ALA A 152 19.84 -19.29 -31.39
C ALA A 152 19.02 -18.67 -30.28
N GLN A 153 17.79 -19.15 -30.11
CA GLN A 153 16.84 -18.58 -29.17
C GLN A 153 16.52 -19.61 -28.10
N CYS A 154 16.09 -19.12 -26.95
CA CYS A 154 15.79 -19.99 -25.81
C CYS A 154 14.59 -20.89 -26.12
N THR A 155 14.54 -22.01 -25.40
CA THR A 155 13.47 -23.00 -25.55
C THR A 155 12.47 -22.96 -24.42
N ASP A 156 12.89 -22.57 -23.22
CA ASP A 156 12.03 -22.61 -22.05
C ASP A 156 10.82 -21.70 -22.26
N GLU A 157 9.64 -22.21 -21.88
CA GLU A 157 8.40 -21.47 -22.12
C GLU A 157 8.33 -20.20 -21.27
N TYR A 158 9.10 -20.12 -20.19
CA TYR A 158 9.16 -18.92 -19.38
C TYR A 158 9.87 -17.79 -20.12
N TYR A 159 10.86 -18.12 -20.96
CA TYR A 159 11.88 -17.18 -21.42
C TYR A 159 12.08 -17.33 -22.93
N ARG A 160 11.02 -17.76 -23.64
CA ARG A 160 11.13 -18.30 -24.97
C ARG A 160 11.42 -17.21 -26.00
N GLY A 161 12.29 -17.53 -26.96
CA GLY A 161 12.62 -16.64 -28.04
C GLY A 161 13.76 -15.69 -27.76
N HIS A 162 14.26 -15.65 -26.52
CA HIS A 162 15.32 -14.73 -26.14
C HIS A 162 16.60 -15.05 -26.90
N SER A 163 17.23 -14.02 -27.44
CA SER A 163 18.43 -14.17 -28.24
C SER A 163 19.59 -13.40 -27.60
N ALA A 164 20.78 -13.58 -28.17
CA ALA A 164 21.94 -12.86 -27.67
C ALA A 164 21.81 -11.36 -27.90
N LEU A 165 21.13 -10.97 -28.97
CA LEU A 165 20.93 -9.54 -29.26
C LEU A 165 20.10 -8.87 -28.18
N HIS A 166 19.10 -9.58 -27.65
CA HIS A 166 18.32 -9.04 -26.54
C HIS A 166 19.19 -8.80 -25.31
N ILE A 167 20.09 -9.74 -25.03
CA ILE A 167 20.96 -9.60 -23.86
C ILE A 167 21.93 -8.44 -24.05
N ALA A 168 22.47 -8.31 -25.27
CA ALA A 168 23.38 -7.20 -25.53
C ALA A 168 22.68 -5.86 -25.47
N ILE A 169 21.39 -5.82 -25.81
CA ILE A 169 20.64 -4.57 -25.70
C ILE A 169 20.33 -4.25 -24.24
N GLU A 170 19.92 -5.26 -23.47
CA GLU A 170 19.57 -4.99 -22.07
C GLU A 170 20.78 -4.58 -21.24
N LYS A 171 21.96 -5.08 -21.57
CA LYS A 171 23.18 -4.72 -20.85
C LYS A 171 23.77 -3.38 -21.29
N ARG A 172 23.11 -2.65 -22.17
CA ARG A 172 23.48 -1.28 -22.55
C ARG A 172 24.88 -1.21 -23.16
N SER A 173 25.16 -2.11 -24.10
CA SER A 173 26.44 -2.15 -24.79
C SER A 173 26.20 -2.02 -26.31
N LEU A 174 26.47 -0.83 -26.85
CA LEU A 174 26.28 -0.62 -28.29
C LEU A 174 27.27 -1.43 -29.12
N GLN A 175 28.52 -1.53 -28.65
CA GLN A 175 29.53 -2.25 -29.42
C GLN A 175 29.24 -3.74 -29.47
N CYS A 176 28.69 -4.30 -28.38
CA CYS A 176 28.33 -5.72 -28.41
C CYS A 176 27.15 -5.96 -29.35
N VAL A 177 26.21 -5.01 -29.41
CA VAL A 177 25.11 -5.11 -30.37
C VAL A 177 25.66 -5.07 -31.79
N LYS A 178 26.60 -4.16 -32.05
CA LYS A 178 27.18 -4.06 -33.39
C LYS A 178 27.95 -5.34 -33.74
N LEU A 179 28.64 -5.92 -32.75
CA LEU A 179 29.40 -7.14 -32.99
C LEU A 179 28.48 -8.30 -33.29
N LEU A 180 27.34 -8.38 -32.59
CA LEU A 180 26.39 -9.46 -32.85
C LEU A 180 25.68 -9.27 -34.18
N VAL A 181 25.36 -8.02 -34.53
CA VAL A 181 24.64 -7.77 -35.79
C VAL A 181 25.54 -7.98 -37.00
N GLU A 182 26.83 -7.59 -36.87
CA GLU A 182 27.76 -7.83 -37.96
C GLU A 182 28.00 -9.30 -38.20
N ASN A 183 27.78 -10.14 -37.20
CA ASN A 183 27.92 -11.59 -37.31
C ASN A 183 26.59 -12.29 -37.60
N GLY A 184 25.61 -11.55 -38.12
CA GLY A 184 24.39 -12.20 -38.60
C GLY A 184 23.32 -12.38 -37.54
N ALA A 185 23.06 -11.34 -36.75
CA ALA A 185 22.00 -11.40 -35.76
C ALA A 185 20.65 -11.13 -36.41
N ASN A 186 19.65 -11.93 -36.04
CA ASN A 186 18.28 -11.69 -36.47
C ASN A 186 17.73 -10.51 -35.69
N VAL A 187 17.74 -9.32 -36.30
CA VAL A 187 17.30 -8.12 -35.61
C VAL A 187 15.78 -8.04 -35.49
N HIS A 188 15.05 -9.05 -35.96
CA HIS A 188 13.60 -9.13 -35.78
C HIS A 188 13.18 -10.34 -34.95
N ALA A 189 14.09 -10.88 -34.14
CA ALA A 189 13.78 -12.06 -33.33
C ALA A 189 12.77 -11.70 -32.26
N LYS A 190 11.64 -12.41 -32.23
CA LYS A 190 10.57 -12.15 -31.28
C LYS A 190 10.77 -12.96 -30.01
N ALA A 191 10.73 -12.27 -28.86
CA ALA A 191 10.92 -12.91 -27.56
C ALA A 191 9.54 -13.02 -26.90
N CYS A 192 8.93 -14.20 -27.04
CA CYS A 192 7.52 -14.41 -26.72
C CYS A 192 7.31 -15.38 -25.56
N GLY A 193 8.21 -15.38 -24.59
CA GLY A 193 8.05 -16.24 -23.43
C GLY A 193 7.02 -15.73 -22.45
N HIS A 194 6.86 -16.48 -21.35
CA HIS A 194 5.94 -16.06 -20.30
C HIS A 194 6.49 -14.89 -19.50
N PHE A 195 7.82 -14.79 -19.37
CA PHE A 195 8.39 -13.61 -18.72
C PHE A 195 8.18 -12.36 -19.55
N PHE A 196 8.07 -12.50 -20.87
CA PHE A 196 7.83 -11.39 -21.77
C PHE A 196 6.36 -11.39 -22.13
N GLN A 197 5.95 -10.41 -22.93
CA GLN A 197 4.61 -10.32 -23.51
C GLN A 197 3.55 -10.76 -22.51
N LYS A 198 3.52 -10.09 -21.36
CA LYS A 198 2.62 -10.51 -20.30
C LYS A 198 2.12 -9.32 -19.48
N ASN A 199 0.89 -9.43 -19.02
CA ASN A 199 0.31 -8.52 -18.02
C ASN A 199 0.39 -9.11 -16.62
N GLN A 200 1.03 -10.27 -16.49
CA GLN A 200 1.21 -11.04 -15.27
C GLN A 200 2.15 -10.35 -14.27
N ASP A 201 2.23 -10.95 -13.09
CA ASP A 201 3.08 -10.46 -12.03
C ASP A 201 4.56 -10.70 -12.35
N THR A 202 5.41 -9.75 -11.98
CA THR A 202 6.84 -9.82 -12.22
C THR A 202 7.14 -10.15 -13.69
N CYS A 203 6.51 -9.41 -14.58
CA CYS A 203 6.73 -9.58 -16.02
C CYS A 203 6.94 -8.22 -16.65
N PHE A 204 7.84 -8.16 -17.63
CA PHE A 204 8.24 -6.92 -18.28
C PHE A 204 7.80 -6.98 -19.72
N TYR A 205 6.76 -6.23 -20.05
CA TYR A 205 6.25 -6.22 -21.42
C TYR A 205 6.84 -5.07 -22.22
N PHE A 206 7.35 -5.44 -23.39
CA PHE A 206 7.76 -4.53 -24.43
C PHE A 206 7.34 -5.15 -25.75
N GLY A 207 7.69 -4.51 -26.86
CA GLY A 207 7.51 -5.16 -28.16
C GLY A 207 8.53 -6.29 -28.24
N GLU A 208 8.08 -7.53 -28.50
CA GLU A 208 8.90 -8.72 -28.33
C GLU A 208 10.22 -8.63 -29.09
N LEU A 209 10.30 -7.69 -30.05
CA LEU A 209 11.38 -7.41 -30.98
C LEU A 209 12.56 -6.72 -30.28
N PRO A 210 13.76 -6.90 -30.82
CA PRO A 210 14.94 -6.20 -30.26
C PRO A 210 14.85 -4.68 -30.35
N LEU A 211 14.36 -4.16 -31.48
CA LEU A 211 14.24 -2.71 -31.64
C LEU A 211 13.32 -2.10 -30.59
N SER A 212 12.22 -2.77 -30.29
CA SER A 212 11.30 -2.26 -29.28
C SER A 212 11.91 -2.36 -27.88
N LEU A 213 12.76 -3.36 -27.64
CA LEU A 213 13.47 -3.43 -26.37
C LEU A 213 14.45 -2.27 -26.23
N ALA A 214 15.16 -1.95 -27.31
CA ALA A 214 16.09 -0.82 -27.28
C ALA A 214 15.37 0.50 -27.14
N ALA A 215 14.16 0.61 -27.71
CA ALA A 215 13.41 1.86 -27.62
C ALA A 215 12.79 2.04 -26.24
N CYS A 216 12.26 0.98 -25.65
CA CYS A 216 11.62 1.08 -24.34
C CYS A 216 12.63 1.31 -23.22
N THR A 217 13.91 1.00 -23.44
CA THR A 217 14.94 1.16 -22.42
C THR A 217 15.81 2.39 -22.64
N LYS A 218 15.30 3.39 -23.35
CA LYS A 218 15.90 4.72 -23.40
C LYS A 218 17.30 4.72 -23.99
N GLN A 219 17.52 3.87 -25.00
CA GLN A 219 18.82 3.76 -25.68
C GLN A 219 18.64 4.25 -27.10
N TRP A 220 18.86 5.55 -27.33
CA TRP A 220 18.64 6.09 -28.66
C TRP A 220 19.74 5.63 -29.62
N ASP A 221 20.98 5.51 -29.14
CA ASP A 221 22.06 5.08 -30.01
C ASP A 221 21.83 3.67 -30.55
N VAL A 222 21.29 2.79 -29.70
CA VAL A 222 21.02 1.42 -30.14
C VAL A 222 19.87 1.40 -31.15
N VAL A 223 18.85 2.23 -30.93
CA VAL A 223 17.75 2.33 -31.89
C VAL A 223 18.26 2.83 -33.23
N ASN A 224 19.15 3.82 -33.21
CA ASN A 224 19.66 4.37 -34.46
C ASN A 224 20.56 3.38 -35.18
N TYR A 225 21.33 2.58 -34.43
CA TYR A 225 22.14 1.56 -35.08
C TYR A 225 21.26 0.46 -35.67
N LEU A 226 20.22 0.04 -34.94
CA LEU A 226 19.34 -0.99 -35.47
C LEU A 226 18.52 -0.49 -36.66
N LEU A 227 18.33 0.83 -36.76
CA LEU A 227 17.58 1.37 -37.90
C LEU A 227 18.48 1.59 -39.12
N GLU A 228 19.72 2.03 -38.91
CA GLU A 228 20.53 2.56 -39.99
C GLU A 228 21.77 1.74 -40.31
N ASN A 229 21.90 0.53 -39.76
CA ASN A 229 23.06 -0.28 -40.08
C ASN A 229 22.97 -0.83 -41.50
N PRO A 230 24.10 -1.10 -42.16
CA PRO A 230 24.06 -1.64 -43.52
C PRO A 230 23.82 -3.14 -43.58
N HIS A 231 24.03 -3.88 -42.50
CA HIS A 231 23.95 -5.34 -42.56
C HIS A 231 22.51 -5.82 -42.61
N GLN A 232 21.72 -5.47 -41.59
CA GLN A 232 20.32 -5.90 -41.51
C GLN A 232 19.58 -4.85 -40.70
N PRO A 233 18.90 -3.91 -41.36
CA PRO A 233 18.20 -2.86 -40.64
C PRO A 233 16.86 -3.36 -40.09
N ALA A 234 16.56 -2.92 -38.86
CA ALA A 234 15.27 -3.23 -38.28
C ALA A 234 14.22 -2.29 -38.83
N SER A 235 13.05 -2.82 -39.11
CA SER A 235 11.96 -2.05 -39.70
C SER A 235 10.96 -1.64 -38.62
N LEU A 236 10.45 -0.42 -38.75
CA LEU A 236 9.47 0.08 -37.79
C LEU A 236 8.08 -0.51 -37.98
N GLN A 237 7.79 -1.07 -39.16
CA GLN A 237 6.49 -1.71 -39.38
C GLN A 237 6.35 -3.03 -38.66
N ALA A 238 7.42 -3.53 -38.04
CA ALA A 238 7.41 -4.88 -37.50
C ALA A 238 6.46 -4.99 -36.33
N GLN A 239 5.80 -6.14 -36.23
CA GLN A 239 4.81 -6.40 -35.21
C GLN A 239 5.24 -7.62 -34.40
N ASP A 240 4.70 -7.73 -33.19
CA ASP A 240 4.95 -8.87 -32.34
C ASP A 240 3.76 -9.82 -32.36
N SER A 241 3.75 -10.79 -31.45
CA SER A 241 2.66 -11.76 -31.40
C SER A 241 1.34 -11.13 -30.98
N LEU A 242 1.34 -9.90 -30.47
CA LEU A 242 0.13 -9.17 -30.14
C LEU A 242 -0.23 -8.13 -31.20
N GLY A 243 0.55 -8.04 -32.27
CA GLY A 243 0.30 -7.08 -33.32
C GLY A 243 0.84 -5.69 -33.05
N ASN A 244 1.47 -5.49 -31.90
CA ASN A 244 1.96 -4.17 -31.51
C ASN A 244 3.23 -3.83 -32.28
N THR A 245 3.32 -2.58 -32.72
CA THR A 245 4.56 -2.06 -33.27
C THR A 245 5.43 -1.58 -32.12
N VAL A 246 6.53 -0.90 -32.42
CA VAL A 246 7.32 -0.29 -31.36
C VAL A 246 6.55 0.87 -30.73
N LEU A 247 5.69 1.52 -31.50
CA LEU A 247 4.91 2.63 -30.97
C LEU A 247 3.87 2.15 -29.97
N HIS A 248 3.20 1.04 -30.29
CA HIS A 248 2.28 0.44 -29.32
C HIS A 248 3.02 0.03 -28.06
N ALA A 249 4.27 -0.43 -28.21
CA ALA A 249 5.05 -0.83 -27.05
C ALA A 249 5.41 0.38 -26.19
N LEU A 250 5.72 1.51 -26.82
CA LEU A 250 5.95 2.73 -26.06
C LEU A 250 4.68 3.19 -25.37
N VAL A 251 3.51 2.92 -25.96
CA VAL A 251 2.26 3.25 -25.28
C VAL A 251 2.05 2.34 -24.08
N MET A 252 2.35 1.04 -24.23
CA MET A 252 2.04 0.07 -23.18
C MET A 252 2.91 0.18 -21.93
N ILE A 253 4.04 0.88 -21.99
CA ILE A 253 4.93 0.96 -20.83
C ILE A 253 4.81 2.29 -20.12
N ALA A 254 3.80 3.08 -20.46
CA ALA A 254 3.61 4.38 -19.82
C ALA A 254 2.86 4.19 -18.51
N ASP A 255 3.32 4.88 -17.46
CA ASP A 255 2.63 4.88 -16.18
C ASP A 255 2.32 6.31 -15.74
N ASP A 256 2.44 7.27 -16.65
CA ASP A 256 2.10 8.67 -16.42
C ASP A 256 2.98 9.32 -15.36
N SER A 257 4.17 8.77 -15.15
CA SER A 257 5.20 9.38 -14.32
C SER A 257 5.95 10.43 -15.14
N ALA A 258 6.69 11.29 -14.42
CA ALA A 258 7.37 12.40 -15.10
C ALA A 258 8.50 11.90 -15.98
N GLU A 259 9.46 11.16 -15.40
CA GLU A 259 10.58 10.67 -16.19
C GLU A 259 10.12 9.65 -17.21
N ASN A 260 9.12 8.83 -16.86
CA ASN A 260 8.60 7.84 -17.79
C ASN A 260 7.95 8.49 -18.99
N SER A 261 7.00 9.41 -18.74
CA SER A 261 6.28 10.01 -19.86
C SER A 261 7.20 10.89 -20.69
N ALA A 262 8.22 11.51 -20.06
CA ALA A 262 9.20 12.28 -20.82
C ALA A 262 9.96 11.37 -21.78
N LEU A 263 10.44 10.23 -21.26
CA LEU A 263 11.12 9.27 -22.13
C LEU A 263 10.20 8.78 -23.24
N VAL A 264 8.93 8.53 -22.91
CA VAL A 264 8.01 7.97 -23.89
C VAL A 264 7.76 8.95 -25.03
N VAL A 265 7.50 10.22 -24.70
CA VAL A 265 7.20 11.18 -25.75
C VAL A 265 8.44 11.50 -26.58
N ARG A 266 9.61 11.57 -25.93
CA ARG A 266 10.84 11.84 -26.68
C ARG A 266 11.17 10.69 -27.64
N MET A 267 11.11 9.45 -27.13
CA MET A 267 11.41 8.30 -27.96
C MET A 267 10.39 8.15 -29.07
N TYR A 268 9.14 8.48 -28.79
CA TYR A 268 8.07 8.35 -29.78
C TYR A 268 8.25 9.35 -30.92
N ASP A 269 8.60 10.60 -30.58
CA ASP A 269 8.85 11.60 -31.62
C ASP A 269 10.10 11.26 -32.43
N GLY A 270 11.13 10.73 -31.77
CA GLY A 270 12.32 10.33 -32.50
C GLY A 270 12.05 9.20 -33.47
N LEU A 271 11.23 8.23 -33.04
CA LEU A 271 10.87 7.13 -33.93
C LEU A 271 10.00 7.61 -35.08
N LEU A 272 9.11 8.58 -34.84
CA LEU A 272 8.31 9.11 -35.94
C LEU A 272 9.18 9.84 -36.96
N GLN A 273 10.15 10.64 -36.49
CA GLN A 273 11.03 11.33 -37.42
C GLN A 273 11.88 10.34 -38.23
N ALA A 274 12.45 9.35 -37.54
CA ALA A 274 13.26 8.36 -38.25
C ALA A 274 12.42 7.52 -39.19
N GLY A 275 11.13 7.34 -38.90
CA GLY A 275 10.27 6.63 -39.81
C GLY A 275 9.94 7.45 -41.04
N ALA A 276 9.77 8.75 -40.86
CA ALA A 276 9.59 9.63 -42.02
C ALA A 276 10.83 9.61 -42.91
N ARG A 277 12.01 9.55 -42.30
CA ARG A 277 13.23 9.53 -43.10
C ARG A 277 13.44 8.18 -43.79
N LEU A 278 13.21 7.08 -43.09
CA LEU A 278 13.63 5.76 -43.56
C LEU A 278 12.56 5.04 -44.38
N CYS A 279 11.29 5.17 -43.99
CA CYS A 279 10.16 4.59 -44.72
C CYS A 279 9.14 5.70 -44.95
N PRO A 280 9.33 6.52 -45.98
CA PRO A 280 8.55 7.76 -46.09
C PRO A 280 7.10 7.56 -46.47
N ASN A 281 6.79 6.55 -47.28
CA ASN A 281 5.44 6.30 -47.77
C ASN A 281 4.60 5.49 -46.79
N VAL A 282 5.00 5.42 -45.53
CA VAL A 282 4.36 4.55 -44.55
C VAL A 282 3.87 5.39 -43.38
N GLN A 283 2.58 5.27 -43.06
CA GLN A 283 1.99 5.91 -41.89
C GLN A 283 2.07 4.91 -40.75
N LEU A 284 3.05 5.11 -39.85
CA LEU A 284 3.26 4.15 -38.76
C LEU A 284 2.13 4.20 -37.74
N GLU A 285 1.56 5.38 -37.48
CA GLU A 285 0.49 5.49 -36.51
C GLU A 285 -0.82 4.89 -36.99
N GLY A 286 -0.90 4.46 -38.26
CA GLY A 286 -2.07 3.82 -38.79
C GLY A 286 -2.14 2.32 -38.64
N ILE A 287 -1.04 1.69 -38.20
CA ILE A 287 -0.96 0.24 -38.10
C ILE A 287 -1.85 -0.26 -36.97
N PRO A 288 -2.83 -1.12 -37.23
CA PRO A 288 -3.64 -1.68 -36.16
C PRO A 288 -3.03 -2.96 -35.61
N ASN A 289 -3.30 -3.21 -34.33
CA ASN A 289 -2.88 -4.43 -33.67
C ASN A 289 -3.98 -5.48 -33.80
N LEU A 290 -3.85 -6.59 -33.06
CA LEU A 290 -4.82 -7.66 -33.15
C LEU A 290 -6.18 -7.27 -32.58
N GLU A 291 -6.20 -6.33 -31.63
CA GLU A 291 -7.47 -5.76 -31.19
C GLU A 291 -7.97 -4.66 -32.10
N GLY A 292 -7.17 -4.25 -33.08
CA GLY A 292 -7.61 -3.26 -34.05
C GLY A 292 -7.48 -1.85 -33.53
N LEU A 293 -6.34 -1.52 -32.94
CA LEU A 293 -6.13 -0.21 -32.33
C LEU A 293 -4.85 0.42 -32.86
N THR A 294 -4.96 1.68 -33.28
CA THR A 294 -3.78 2.49 -33.51
C THR A 294 -3.15 2.85 -32.17
N PRO A 295 -1.89 3.30 -32.17
CA PRO A 295 -1.27 3.68 -30.88
C PRO A 295 -2.05 4.74 -30.12
N LEU A 296 -2.74 5.64 -30.83
CA LEU A 296 -3.55 6.65 -30.16
C LEU A 296 -4.76 5.99 -29.49
N LYS A 297 -5.44 5.11 -30.22
CA LYS A 297 -6.56 4.36 -29.64
C LYS A 297 -6.09 3.45 -28.51
N LEU A 298 -4.86 2.93 -28.61
CA LEU A 298 -4.35 2.08 -27.54
C LEU A 298 -4.05 2.89 -26.28
N ALA A 299 -3.55 4.11 -26.45
CA ALA A 299 -3.39 5.00 -25.30
C ALA A 299 -4.74 5.40 -24.72
N ALA A 300 -5.76 5.50 -25.57
CA ALA A 300 -7.09 5.85 -25.08
C ALA A 300 -7.72 4.70 -24.30
N LYS A 301 -7.52 3.46 -24.76
CA LYS A 301 -8.10 2.31 -24.07
C LYS A 301 -7.37 2.00 -22.77
N GLU A 302 -6.05 1.98 -22.82
CA GLU A 302 -5.27 1.65 -21.64
C GLU A 302 -5.23 2.78 -20.61
N GLY A 303 -5.70 3.96 -20.98
CA GLY A 303 -5.80 5.05 -20.03
C GLY A 303 -4.50 5.76 -19.77
N LYS A 304 -3.60 5.79 -20.75
CA LYS A 304 -2.33 6.49 -20.63
C LYS A 304 -2.54 7.92 -21.08
N ILE A 305 -2.50 8.86 -20.12
CA ILE A 305 -2.90 10.23 -20.39
C ILE A 305 -1.80 11.02 -21.08
N GLU A 306 -0.56 10.90 -20.61
CA GLU A 306 0.48 11.84 -21.02
C GLU A 306 0.89 11.64 -22.48
N ILE A 307 1.08 10.39 -22.91
CA ILE A 307 1.40 10.18 -24.32
C ILE A 307 0.19 10.57 -25.17
N PHE A 308 -1.02 10.30 -24.69
CA PHE A 308 -2.24 10.69 -25.40
C PHE A 308 -2.33 12.21 -25.53
N LYS A 309 -2.14 12.93 -24.42
CA LYS A 309 -2.14 14.38 -24.43
C LYS A 309 -1.07 14.92 -25.38
N HIS A 310 0.08 14.26 -25.44
CA HIS A 310 1.15 14.72 -26.33
C HIS A 310 0.79 14.47 -27.79
N ILE A 311 0.22 13.31 -28.10
CA ILE A 311 -0.11 12.97 -29.47
C ILE A 311 -1.18 13.91 -30.01
N LEU A 312 -2.12 14.33 -29.17
CA LEU A 312 -3.17 15.21 -29.69
C LEU A 312 -2.66 16.60 -30.08
N GLN A 313 -1.49 17.01 -29.59
CA GLN A 313 -0.99 18.37 -29.85
C GLN A 313 0.49 18.35 -30.21
N ARG A 314 0.89 17.40 -31.05
CA ARG A 314 2.27 17.35 -31.50
C ARG A 314 2.56 18.50 -32.47
N GLU A 315 3.67 19.21 -32.22
CA GLU A 315 4.17 20.24 -33.13
C GLU A 315 5.61 19.90 -33.48
N PHE A 316 5.92 19.97 -34.78
CA PHE A 316 7.28 19.79 -35.27
C PHE A 316 7.72 21.07 -35.99
N SER A 317 8.71 21.75 -35.41
CA SER A 317 9.28 22.94 -36.03
C SER A 317 10.26 22.61 -37.14
N ALA A 318 10.44 21.32 -37.45
CA ALA A 318 11.40 20.87 -38.44
C ALA A 318 10.79 20.98 -39.83
N PRO A 319 11.53 20.64 -40.89
CA PRO A 319 10.88 20.48 -42.20
C PRO A 319 9.84 19.38 -42.25
N CYS A 320 9.91 18.41 -41.33
CA CYS A 320 8.89 17.35 -41.26
C CYS A 320 7.67 17.83 -40.48
N GLN A 321 7.04 18.88 -41.01
CA GLN A 321 5.87 19.46 -40.36
C GLN A 321 4.62 18.60 -40.56
N SER A 322 4.60 17.72 -41.57
CA SER A 322 3.42 16.90 -41.83
C SER A 322 3.15 15.89 -40.72
N LEU A 323 4.15 15.59 -39.89
CA LEU A 323 3.94 14.64 -38.80
C LEU A 323 3.07 15.21 -37.69
N SER A 324 2.97 16.54 -37.61
CA SER A 324 2.25 17.18 -36.53
C SER A 324 0.75 16.96 -36.68
N ARG A 325 0.02 17.19 -35.58
CA ARG A 325 -1.43 17.24 -35.60
C ARG A 325 -1.97 18.60 -35.19
N LYS A 326 -1.11 19.51 -34.74
CA LYS A 326 -1.48 20.88 -34.40
C LYS A 326 -0.76 21.81 -35.35
N PHE A 327 -1.51 22.62 -36.07
CA PHE A 327 -0.97 23.60 -37.02
C PHE A 327 -1.49 24.98 -36.63
N THR A 328 -0.89 26.02 -37.20
CA THR A 328 -1.30 27.39 -36.92
C THR A 328 -1.83 28.03 -38.20
N GLU A 329 -3.14 28.32 -38.21
CA GLU A 329 -3.76 28.91 -39.40
C GLU A 329 -3.34 30.36 -39.58
N TRP A 330 -3.35 31.14 -38.49
CA TRP A 330 -2.86 32.52 -38.56
C TRP A 330 -2.53 33.01 -37.17
N CYS A 331 -1.49 33.85 -37.09
CA CYS A 331 -1.06 34.44 -35.83
C CYS A 331 -0.91 35.95 -36.00
N TYR A 332 -1.55 36.71 -35.13
CA TYR A 332 -1.46 38.17 -35.11
C TYR A 332 -1.21 38.58 -33.67
N GLY A 333 0.01 38.97 -33.35
CA GLY A 333 0.37 39.31 -32.00
C GLY A 333 0.21 38.14 -31.05
N PRO A 334 -0.61 38.31 -30.01
CA PRO A 334 -0.81 37.24 -29.03
C PRO A 334 -1.91 36.25 -29.40
N VAL A 335 -2.89 36.67 -30.19
CA VAL A 335 -3.97 35.75 -30.53
C VAL A 335 -3.57 34.91 -31.73
N ARG A 336 -4.03 33.66 -31.73
CA ARG A 336 -3.77 32.76 -32.85
C ARG A 336 -4.87 31.73 -32.92
N VAL A 337 -5.04 31.15 -34.10
CA VAL A 337 -6.01 30.09 -34.34
C VAL A 337 -5.24 28.83 -34.72
N SER A 338 -5.34 27.81 -33.88
CA SER A 338 -4.69 26.54 -34.12
C SER A 338 -5.68 25.56 -34.74
N LEU A 339 -5.16 24.67 -35.55
CA LEU A 339 -5.93 23.59 -36.17
C LEU A 339 -5.50 22.29 -35.51
N TYR A 340 -6.48 21.50 -35.09
CA TYR A 340 -6.23 20.17 -34.56
C TYR A 340 -6.79 19.12 -35.50
N ASP A 341 -5.98 18.10 -35.77
CA ASP A 341 -6.43 17.00 -36.63
C ASP A 341 -7.50 16.19 -35.91
N LEU A 342 -8.47 15.71 -36.67
CA LEU A 342 -9.56 14.91 -36.15
C LEU A 342 -9.62 13.55 -36.85
N ALA A 343 -8.47 12.93 -37.04
CA ALA A 343 -8.39 11.66 -37.77
C ALA A 343 -9.11 10.56 -37.00
N SER A 344 -8.65 10.27 -35.78
CA SER A 344 -9.26 9.26 -34.94
C SER A 344 -10.14 9.86 -33.85
N VAL A 345 -10.20 11.19 -33.74
CA VAL A 345 -10.89 11.83 -32.63
C VAL A 345 -12.39 11.95 -32.89
N ASP A 346 -12.76 12.33 -34.12
CA ASP A 346 -14.15 12.67 -34.39
C ASP A 346 -15.06 11.47 -34.20
N SER A 347 -16.20 11.71 -33.56
CA SER A 347 -17.15 10.64 -33.30
C SER A 347 -18.03 10.31 -34.50
N TRP A 348 -17.76 10.95 -35.64
CA TRP A 348 -18.45 10.59 -36.88
C TRP A 348 -18.04 9.19 -37.32
N GLU A 349 -16.73 8.95 -37.38
CA GLU A 349 -16.24 7.67 -37.87
C GLU A 349 -16.46 6.59 -36.82
N GLU A 350 -16.34 5.33 -37.27
CA GLU A 350 -16.52 4.18 -36.39
C GLU A 350 -15.30 3.98 -35.50
N ASN A 351 -15.56 3.54 -34.26
CA ASN A 351 -14.52 3.20 -33.31
C ASN A 351 -13.58 4.39 -33.08
N SER A 352 -14.17 5.52 -32.71
CA SER A 352 -13.42 6.73 -32.43
C SER A 352 -12.76 6.66 -31.05
N VAL A 353 -11.97 7.69 -30.75
CA VAL A 353 -11.35 7.78 -29.42
C VAL A 353 -12.39 8.12 -28.37
N LEU A 354 -13.34 9.01 -28.71
CA LEU A 354 -14.40 9.35 -27.77
C LEU A 354 -15.26 8.15 -27.44
N GLU A 355 -15.57 7.33 -28.46
CA GLU A 355 -16.41 6.17 -28.24
C GLU A 355 -15.73 5.12 -27.35
N ILE A 356 -14.41 4.97 -27.47
CA ILE A 356 -13.73 3.98 -26.65
C ILE A 356 -13.45 4.52 -25.25
N ILE A 357 -13.25 5.85 -25.11
CA ILE A 357 -13.12 6.40 -23.76
C ILE A 357 -14.44 6.28 -23.02
N ALA A 358 -15.56 6.54 -23.71
CA ALA A 358 -16.86 6.51 -23.05
C ALA A 358 -17.32 5.08 -22.79
N PHE A 359 -17.05 4.15 -23.71
CA PHE A 359 -17.66 2.82 -23.66
C PHE A 359 -16.69 1.66 -23.50
N HIS A 360 -15.40 1.84 -23.80
CA HIS A 360 -14.51 0.68 -23.87
C HIS A 360 -13.37 0.70 -22.87
N SER A 361 -12.76 1.85 -22.60
CA SER A 361 -11.67 1.88 -21.64
C SER A 361 -12.22 1.74 -20.23
N ARG A 362 -11.45 1.07 -19.37
CA ARG A 362 -11.85 0.84 -17.99
C ARG A 362 -10.90 1.51 -17.00
N SER A 363 -10.14 2.49 -17.47
CA SER A 363 -9.20 3.20 -16.62
C SER A 363 -9.96 4.11 -15.66
N PRO A 364 -9.41 4.33 -14.45
CA PRO A 364 -10.07 5.24 -13.50
C PRO A 364 -9.96 6.71 -13.86
N HIS A 365 -9.05 7.09 -14.77
CA HIS A 365 -8.80 8.49 -15.09
C HIS A 365 -9.39 8.91 -16.44
N ARG A 366 -10.40 8.18 -16.93
CA ARG A 366 -10.96 8.50 -18.25
C ARG A 366 -11.44 9.94 -18.31
N HIS A 367 -12.03 10.44 -17.22
CA HIS A 367 -12.57 11.80 -17.23
C HIS A 367 -11.49 12.82 -17.54
N ARG A 368 -10.27 12.59 -17.04
CA ARG A 368 -9.19 13.54 -17.32
C ARG A 368 -8.98 13.69 -18.82
N MET A 369 -9.06 12.57 -19.54
CA MET A 369 -8.81 12.57 -20.97
C MET A 369 -9.86 13.37 -21.73
N VAL A 370 -11.04 13.59 -21.15
CA VAL A 370 -12.04 14.38 -21.85
C VAL A 370 -11.74 15.87 -21.76
N VAL A 371 -11.05 16.31 -20.71
CA VAL A 371 -10.80 17.75 -20.58
C VAL A 371 -9.71 18.25 -21.52
N LEU A 372 -9.00 17.35 -22.18
CA LEU A 372 -7.91 17.76 -23.05
C LEU A 372 -8.45 18.60 -24.19
N GLU A 373 -7.57 19.46 -24.74
CA GLU A 373 -8.06 20.65 -25.46
C GLU A 373 -8.91 20.35 -26.68
N PRO A 374 -8.47 19.56 -27.66
CA PRO A 374 -9.33 19.39 -28.85
C PRO A 374 -10.59 18.60 -28.54
N LEU A 375 -10.49 17.60 -27.67
CA LEU A 375 -11.68 16.86 -27.25
C LEU A 375 -12.63 17.76 -26.48
N ASN A 376 -12.08 18.64 -25.65
CA ASN A 376 -12.90 19.52 -24.84
C ASN A 376 -13.69 20.48 -25.72
N LYS A 377 -13.00 21.19 -26.61
CA LYS A 377 -13.70 22.15 -27.47
C LYS A 377 -14.65 21.46 -28.43
N LEU A 378 -14.30 20.27 -28.93
CA LEU A 378 -15.18 19.55 -29.84
C LEU A 378 -16.46 19.15 -29.14
N LEU A 379 -16.35 18.58 -27.94
CA LEU A 379 -17.54 18.19 -27.19
C LEU A 379 -18.34 19.41 -26.75
N GLN A 380 -17.67 20.54 -26.49
CA GLN A 380 -18.39 21.78 -26.17
C GLN A 380 -19.26 22.22 -27.34
N ALA A 381 -18.68 22.22 -28.56
CA ALA A 381 -19.46 22.61 -29.73
C ALA A 381 -20.61 21.65 -29.99
N LYS A 382 -20.36 20.34 -29.82
CA LYS A 382 -21.42 19.38 -30.09
C LYS A 382 -22.52 19.44 -29.05
N TRP A 383 -22.18 19.72 -27.79
CA TRP A 383 -23.21 19.88 -26.76
C TRP A 383 -24.02 21.15 -26.98
N ASP A 384 -23.36 22.25 -27.36
CA ASP A 384 -24.10 23.47 -27.65
C ASP A 384 -25.00 23.30 -28.86
N ARG A 385 -24.62 22.44 -29.80
CA ARG A 385 -25.49 22.15 -30.94
C ARG A 385 -26.64 21.22 -30.56
N LEU A 386 -26.42 20.28 -29.64
CA LEU A 386 -27.43 19.27 -29.31
C LEU A 386 -28.22 19.57 -28.04
N ILE A 387 -28.12 20.79 -27.50
CA ILE A 387 -29.01 21.20 -26.41
C ILE A 387 -30.50 20.97 -26.72
N PRO A 388 -31.05 21.40 -27.86
CA PRO A 388 -32.51 21.32 -28.02
C PRO A 388 -33.08 19.92 -28.07
N ARG A 389 -32.37 18.94 -28.64
CA ARG A 389 -32.86 17.58 -28.59
C ARG A 389 -32.90 17.06 -27.15
N PHE A 390 -31.93 17.47 -26.34
CA PHE A 390 -31.91 17.11 -24.93
C PHE A 390 -33.10 17.69 -24.21
N CYS A 391 -33.40 18.97 -24.46
CA CYS A 391 -34.55 19.58 -23.81
C CYS A 391 -35.87 18.99 -24.30
N PHE A 392 -35.93 18.56 -25.57
CA PHE A 392 -37.12 17.89 -26.07
C PHE A 392 -37.34 16.54 -25.39
N ASN A 393 -36.27 15.75 -25.25
CA ASN A 393 -36.40 14.48 -24.54
C ASN A 393 -36.76 14.70 -23.08
N PHE A 394 -36.22 15.77 -22.47
CA PHE A 394 -36.60 16.11 -21.09
C PHE A 394 -38.07 16.44 -21.00
N LEU A 395 -38.59 17.24 -21.93
CA LEU A 395 -40.00 17.60 -21.91
C LEU A 395 -40.90 16.38 -22.13
N CYS A 396 -40.51 15.49 -23.05
CA CYS A 396 -41.30 14.30 -23.30
C CYS A 396 -41.33 13.39 -22.09
N TYR A 397 -40.18 13.20 -21.43
CA TYR A 397 -40.15 12.36 -20.24
C TYR A 397 -40.85 13.01 -19.06
N LEU A 398 -40.85 14.35 -18.99
CA LEU A 398 -41.55 15.02 -17.90
C LEU A 398 -43.06 14.91 -18.08
N VAL A 399 -43.54 15.03 -19.32
CA VAL A 399 -44.97 14.79 -19.58
C VAL A 399 -45.32 13.33 -19.28
N TYR A 400 -44.41 12.41 -19.63
CA TYR A 400 -44.63 11.00 -19.32
C TYR A 400 -44.76 10.78 -17.82
N MET A 401 -43.89 11.39 -17.03
CA MET A 401 -43.95 11.20 -15.58
C MET A 401 -45.15 11.89 -14.96
N LEU A 402 -45.57 13.04 -15.51
CA LEU A 402 -46.80 13.67 -15.02
C LEU A 402 -48.00 12.77 -15.28
N ILE A 403 -48.07 12.18 -16.47
CA ILE A 403 -49.19 11.29 -16.79
C ILE A 403 -49.14 10.04 -15.93
N PHE A 404 -47.95 9.51 -15.67
CA PHE A 404 -47.83 8.31 -14.85
C PHE A 404 -48.17 8.59 -13.40
N THR A 405 -47.82 9.78 -12.90
CA THR A 405 -48.17 10.14 -11.54
C THR A 405 -49.66 10.40 -11.40
N ALA A 406 -50.28 11.00 -12.42
CA ALA A 406 -51.71 11.25 -12.35
C ALA A 406 -52.52 9.96 -12.44
N VAL A 407 -52.10 9.03 -13.29
CA VAL A 407 -52.81 7.76 -13.39
C VAL A 407 -52.64 6.93 -12.12
N ALA A 408 -51.48 7.06 -11.46
CA ALA A 408 -51.25 6.33 -10.20
C ALA A 408 -51.98 6.97 -9.03
N TYR A 409 -52.08 8.30 -9.01
CA TYR A 409 -52.71 8.99 -7.88
C TYR A 409 -54.20 8.71 -7.79
N HIS A 410 -54.86 8.46 -8.91
CA HIS A 410 -56.28 8.15 -8.87
C HIS A 410 -56.54 6.73 -8.38
N GLN A 411 -55.64 5.80 -8.69
CA GLN A 411 -55.76 4.45 -8.18
C GLN A 411 -55.15 4.36 -6.78
N ALA A 426 -66.78 8.00 -18.34
CA ALA A 426 -66.17 9.32 -18.43
C ALA A 426 -64.74 9.30 -17.90
N GLY A 427 -64.61 9.27 -16.57
CA GLY A 427 -63.29 9.22 -15.96
C GLY A 427 -62.64 7.85 -16.08
N ASN A 428 -63.44 6.79 -16.08
CA ASN A 428 -62.88 5.44 -16.23
C ASN A 428 -62.29 5.25 -17.63
N SER A 429 -62.92 5.83 -18.65
CA SER A 429 -62.36 5.75 -19.99
C SER A 429 -61.06 6.52 -20.09
N MET A 430 -60.97 7.66 -19.42
CA MET A 430 -59.72 8.42 -19.41
C MET A 430 -58.64 7.65 -18.68
N LEU A 431 -58.99 6.98 -17.58
CA LEU A 431 -58.01 6.18 -16.85
C LEU A 431 -57.53 4.99 -17.69
N LEU A 432 -58.43 4.37 -18.46
CA LEU A 432 -58.02 3.27 -19.32
C LEU A 432 -57.11 3.75 -20.45
N LEU A 433 -57.41 4.92 -21.01
CA LEU A 433 -56.54 5.48 -22.04
C LEU A 433 -55.18 5.83 -21.47
N GLY A 434 -55.15 6.37 -20.24
CA GLY A 434 -53.89 6.68 -19.60
C GLY A 434 -53.08 5.43 -19.30
N HIS A 435 -53.75 4.34 -18.91
CA HIS A 435 -53.04 3.09 -18.67
C HIS A 435 -52.47 2.52 -19.96
N ILE A 436 -53.21 2.64 -21.07
CA ILE A 436 -52.69 2.19 -22.35
C ILE A 436 -51.48 3.02 -22.77
N LEU A 437 -51.54 4.34 -22.53
CA LEU A 437 -50.42 5.20 -22.86
C LEU A 437 -49.20 4.87 -22.00
N ILE A 438 -49.42 4.59 -20.72
CA ILE A 438 -48.31 4.21 -19.84
C ILE A 438 -47.69 2.89 -20.28
N LEU A 439 -48.53 1.94 -20.70
CA LEU A 439 -48.00 0.67 -21.18
C LEU A 439 -47.15 0.85 -22.43
N LEU A 440 -47.63 1.69 -23.36
CA LEU A 440 -46.86 1.92 -24.58
C LEU A 440 -45.56 2.66 -24.30
N GLY A 441 -45.60 3.64 -23.40
CA GLY A 441 -44.39 4.36 -23.04
C GLY A 441 -43.37 3.49 -22.33
N GLY A 442 -43.83 2.65 -21.42
CA GLY A 442 -42.92 1.73 -20.74
C GLY A 442 -42.34 0.72 -21.70
N VAL A 443 -43.13 0.26 -22.67
CA VAL A 443 -42.61 -0.66 -23.67
C VAL A 443 -41.54 0.02 -24.52
N TYR A 444 -41.79 1.27 -24.92
CA TYR A 444 -40.79 1.99 -25.72
C TYR A 444 -39.51 2.21 -24.94
N LEU A 445 -39.62 2.59 -23.66
CA LEU A 445 -38.43 2.82 -22.86
C LEU A 445 -37.68 1.51 -22.57
N LEU A 446 -38.41 0.41 -22.39
CA LEU A 446 -37.76 -0.87 -22.19
C LEU A 446 -37.05 -1.32 -23.45
N LEU A 447 -37.65 -1.08 -24.62
CA LEU A 447 -36.95 -1.39 -25.87
C LEU A 447 -35.70 -0.52 -26.03
N GLY A 448 -35.78 0.75 -25.64
CA GLY A 448 -34.60 1.60 -25.70
C GLY A 448 -33.50 1.14 -24.78
N GLN A 449 -33.85 0.71 -23.57
CA GLN A 449 -32.85 0.21 -22.63
C GLN A 449 -32.29 -1.13 -23.05
N LEU A 450 -33.12 -2.00 -23.64
CA LEU A 450 -32.64 -3.26 -24.18
C LEU A 450 -31.66 -3.01 -25.33
N TRP A 451 -31.96 -2.06 -26.20
CA TRP A 451 -31.02 -1.72 -27.26
C TRP A 451 -29.75 -1.11 -26.69
N TYR A 452 -29.86 -0.34 -25.60
CA TYR A 452 -28.69 0.27 -25.00
C TYR A 452 -27.76 -0.79 -24.42
N PHE A 453 -28.32 -1.76 -23.71
CA PHE A 453 -27.51 -2.85 -23.19
C PHE A 453 -27.04 -3.79 -24.30
N TRP A 454 -27.75 -3.81 -25.44
CA TRP A 454 -27.29 -4.54 -26.60
C TRP A 454 -26.13 -3.83 -27.29
N ARG A 455 -26.22 -2.50 -27.42
CA ARG A 455 -25.21 -1.75 -28.16
C ARG A 455 -23.93 -1.56 -27.34
N ARG A 456 -24.05 -1.37 -26.04
CA ARG A 456 -22.88 -1.18 -25.19
C ARG A 456 -22.07 -2.46 -25.03
N ARG A 457 -20.75 -2.32 -25.15
CA ARG A 457 -19.85 -3.45 -25.03
C ARG A 457 -19.73 -3.92 -23.58
N LEU A 458 -19.90 -5.23 -23.38
CA LEU A 458 -19.75 -5.87 -22.08
C LEU A 458 -20.62 -5.20 -21.01
N PHE A 459 -21.89 -4.95 -21.37
CA PHE A 459 -22.87 -4.33 -20.49
C PHE A 459 -22.36 -2.99 -19.96
N ILE A 460 -21.82 -2.18 -20.87
CA ILE A 460 -21.26 -0.87 -20.56
C ILE A 460 -20.21 -1.01 -19.48
N TRP A 461 -19.24 -1.90 -19.70
CA TRP A 461 -18.17 -2.16 -18.74
C TRP A 461 -18.74 -2.68 -17.41
N ILE A 462 -19.66 -3.64 -17.55
CA ILE A 462 -20.35 -4.34 -16.47
C ILE A 462 -21.05 -3.42 -15.47
N SER A 463 -21.40 -2.21 -15.92
CA SER A 463 -22.27 -1.32 -15.14
C SER A 463 -21.77 -1.09 -13.71
N PHE A 464 -20.45 -1.00 -13.55
CA PHE A 464 -19.89 -0.87 -12.21
C PHE A 464 -20.32 0.43 -11.55
N MET A 465 -20.26 1.54 -12.29
CA MET A 465 -20.60 2.83 -11.73
C MET A 465 -21.55 3.65 -12.59
N ASP A 466 -21.02 4.26 -13.65
CA ASP A 466 -21.78 5.25 -14.39
C ASP A 466 -23.00 4.67 -15.11
N SER A 467 -22.93 3.43 -15.59
CA SER A 467 -24.08 2.94 -16.36
C SER A 467 -25.18 2.33 -15.47
N TYR A 468 -24.86 2.05 -14.20
CA TYR A 468 -25.86 1.52 -13.27
C TYR A 468 -27.06 2.45 -13.15
N PHE A 469 -26.84 3.75 -13.35
CA PHE A 469 -27.95 4.70 -13.32
C PHE A 469 -28.98 4.38 -14.41
N GLU A 470 -28.49 4.02 -15.59
CA GLU A 470 -29.36 3.61 -16.68
C GLU A 470 -30.02 2.27 -16.38
N ILE A 471 -29.33 1.39 -15.64
CA ILE A 471 -29.96 0.15 -15.22
C ILE A 471 -31.07 0.42 -14.19
N LEU A 472 -30.90 1.46 -13.38
CA LEU A 472 -31.98 1.89 -12.49
C LEU A 472 -33.19 2.35 -13.28
N PHE A 473 -32.94 3.13 -14.34
CA PHE A 473 -34.04 3.59 -15.19
C PHE A 473 -34.72 2.41 -15.89
N LEU A 474 -33.93 1.43 -16.33
CA LEU A 474 -34.48 0.24 -16.97
C LEU A 474 -35.30 -0.59 -16.00
N LEU A 475 -34.82 -0.76 -14.77
CA LEU A 475 -35.58 -1.50 -13.77
C LEU A 475 -36.88 -0.78 -13.43
N GLN A 476 -36.85 0.55 -13.38
CA GLN A 476 -38.07 1.31 -13.15
C GLN A 476 -39.09 1.09 -14.26
N ALA A 477 -38.63 1.13 -15.51
CA ALA A 477 -39.55 0.88 -16.63
C ALA A 477 -40.07 -0.55 -16.62
N LEU A 478 -39.23 -1.50 -16.24
CA LEU A 478 -39.66 -2.89 -16.17
C LEU A 478 -40.72 -3.09 -15.08
N LEU A 479 -40.54 -2.44 -13.94
CA LEU A 479 -41.57 -2.52 -12.90
C LEU A 479 -42.85 -1.84 -13.33
N THR A 480 -42.74 -0.75 -14.11
CA THR A 480 -43.94 -0.10 -14.63
C THR A 480 -44.72 -1.04 -15.54
N VAL A 481 -44.03 -1.71 -16.47
CA VAL A 481 -44.75 -2.58 -17.40
C VAL A 481 -45.29 -3.81 -16.68
N LEU A 482 -44.57 -4.31 -15.67
CA LEU A 482 -45.07 -5.48 -14.93
C LEU A 482 -46.29 -5.11 -14.09
N SER A 483 -46.30 -3.90 -13.53
CA SER A 483 -47.47 -3.44 -12.79
C SER A 483 -48.67 -3.24 -13.71
N GLN A 484 -48.43 -2.73 -14.92
CA GLN A 484 -49.53 -2.60 -15.88
C GLN A 484 -50.06 -3.96 -16.31
N VAL A 485 -49.16 -4.94 -16.47
CA VAL A 485 -49.60 -6.27 -16.85
C VAL A 485 -50.38 -6.93 -15.73
N LEU A 486 -49.99 -6.68 -14.47
CA LEU A 486 -50.72 -7.24 -13.35
C LEU A 486 -52.06 -6.53 -13.14
N CYS A 487 -52.14 -5.25 -13.48
CA CYS A 487 -53.41 -4.54 -13.42
C CYS A 487 -54.34 -4.97 -14.55
N PHE A 488 -53.78 -5.39 -15.68
CA PHE A 488 -54.62 -5.93 -16.75
C PHE A 488 -55.28 -7.23 -16.33
N LEU A 489 -54.58 -8.04 -15.53
CA LEU A 489 -55.16 -9.25 -14.97
C LEU A 489 -55.87 -9.00 -13.65
N ALA A 490 -55.76 -7.79 -13.09
CA ALA A 490 -56.43 -7.39 -11.86
C ALA A 490 -56.02 -8.30 -10.70
N ILE A 491 -54.71 -8.51 -10.56
CA ILE A 491 -54.18 -9.31 -9.47
C ILE A 491 -54.10 -8.43 -8.23
N GLU A 492 -53.84 -9.05 -7.07
CA GLU A 492 -53.80 -8.30 -5.82
C GLU A 492 -52.48 -7.55 -5.62
N TRP A 493 -51.45 -7.84 -6.41
CA TRP A 493 -50.16 -7.19 -6.25
C TRP A 493 -49.90 -6.13 -7.31
N TYR A 494 -50.93 -5.67 -8.01
CA TYR A 494 -50.76 -4.68 -9.07
C TYR A 494 -50.51 -3.29 -8.50
N LEU A 495 -51.44 -2.80 -7.66
CA LEU A 495 -51.46 -1.44 -7.12
C LEU A 495 -50.26 -1.12 -6.23
N PRO A 496 -49.76 -2.06 -5.43
CA PRO A 496 -48.49 -1.79 -4.72
C PRO A 496 -47.34 -1.59 -5.68
N LEU A 497 -47.11 -2.56 -6.57
CA LEU A 497 -45.94 -2.52 -7.45
C LEU A 497 -45.92 -1.24 -8.29
N LEU A 498 -47.07 -0.87 -8.85
CA LEU A 498 -47.17 0.36 -9.63
C LEU A 498 -46.65 1.56 -8.83
N VAL A 499 -47.05 1.65 -7.55
CA VAL A 499 -46.60 2.75 -6.71
C VAL A 499 -45.08 2.77 -6.64
N SER A 500 -44.47 1.60 -6.47
CA SER A 500 -43.01 1.54 -6.48
C SER A 500 -42.45 2.05 -7.79
N SER A 501 -43.03 1.62 -8.90
CA SER A 501 -42.58 2.05 -10.22
C SER A 501 -42.79 3.54 -10.43
N LEU A 502 -43.55 4.19 -9.55
CA LEU A 502 -43.63 5.64 -9.57
C LEU A 502 -42.39 6.28 -8.96
N VAL A 503 -42.01 5.84 -7.75
CA VAL A 503 -41.02 6.58 -6.97
C VAL A 503 -39.68 6.61 -7.69
N LEU A 504 -39.20 5.44 -8.10
CA LEU A 504 -37.95 5.37 -8.85
C LEU A 504 -38.00 6.25 -10.09
N GLY A 505 -39.16 6.33 -10.75
CA GLY A 505 -39.27 7.20 -11.90
C GLY A 505 -38.96 8.64 -11.56
N TRP A 506 -39.52 9.13 -10.45
CA TRP A 506 -39.23 10.49 -10.02
C TRP A 506 -37.81 10.64 -9.50
N LEU A 507 -37.12 9.53 -9.22
CA LEU A 507 -35.70 9.60 -8.96
C LEU A 507 -34.91 9.66 -10.28
N ASN A 508 -35.40 8.96 -11.30
CA ASN A 508 -34.65 8.86 -12.55
C ASN A 508 -34.67 10.17 -13.33
N LEU A 509 -35.62 11.06 -13.02
CA LEU A 509 -35.58 12.40 -13.58
C LEU A 509 -34.27 13.09 -13.25
N LEU A 510 -33.63 12.69 -12.15
CA LEU A 510 -32.31 13.22 -11.81
C LEU A 510 -31.28 13.03 -12.92
N TYR A 511 -31.47 12.04 -13.80
CA TYR A 511 -30.61 11.94 -14.98
C TYR A 511 -30.47 13.30 -15.66
N TYR A 512 -31.60 13.93 -15.95
CA TYR A 512 -31.54 15.19 -16.68
C TYR A 512 -30.94 16.31 -15.86
N THR A 513 -30.90 16.17 -14.53
CA THR A 513 -30.23 17.20 -13.74
C THR A 513 -28.72 17.13 -13.88
N ARG A 514 -28.19 16.11 -14.56
CA ARG A 514 -26.80 16.14 -14.97
C ARG A 514 -26.53 17.31 -15.92
N GLY A 515 -27.55 17.84 -16.57
CA GLY A 515 -27.39 19.04 -17.37
C GLY A 515 -27.35 20.29 -16.51
N PHE A 516 -27.35 21.43 -17.19
CA PHE A 516 -27.53 22.77 -16.62
C PHE A 516 -26.37 23.22 -15.72
N GLN A 517 -25.24 22.51 -15.74
CA GLN A 517 -23.92 23.03 -15.36
C GLN A 517 -23.66 23.25 -13.88
N HIS A 518 -24.67 23.18 -13.03
CA HIS A 518 -24.41 23.30 -11.59
C HIS A 518 -25.04 22.12 -10.86
N THR A 519 -26.30 21.86 -11.17
CA THR A 519 -26.94 20.67 -10.63
C THR A 519 -26.35 19.40 -11.25
N GLY A 520 -25.63 19.54 -12.36
CA GLY A 520 -24.91 18.39 -12.89
C GLY A 520 -23.78 17.95 -11.97
N ILE A 521 -22.99 18.91 -11.50
CA ILE A 521 -21.94 18.59 -10.53
C ILE A 521 -22.55 18.16 -9.20
N TYR A 522 -23.69 18.76 -8.83
CA TYR A 522 -24.38 18.33 -7.62
C TYR A 522 -24.83 16.88 -7.74
N SER A 523 -25.35 16.49 -8.91
CA SER A 523 -25.77 15.11 -9.12
C SER A 523 -24.59 14.17 -9.18
N VAL A 524 -23.46 14.62 -9.73
CA VAL A 524 -22.26 13.78 -9.74
C VAL A 524 -21.79 13.50 -8.33
N MET A 525 -21.76 14.54 -7.48
CA MET A 525 -21.38 14.33 -6.09
C MET A 525 -22.40 13.46 -5.36
N ILE A 526 -23.69 13.63 -5.64
CA ILE A 526 -24.71 12.85 -4.98
C ILE A 526 -24.63 11.39 -5.39
N GLN A 527 -24.34 11.14 -6.67
CA GLN A 527 -24.19 9.76 -7.14
C GLN A 527 -22.94 9.12 -6.59
N LYS A 528 -21.86 9.89 -6.45
CA LYS A 528 -20.65 9.36 -5.83
C LYS A 528 -20.87 9.04 -4.36
N VAL A 529 -21.70 9.82 -3.66
CA VAL A 529 -21.97 9.54 -2.26
C VAL A 529 -22.90 8.34 -2.12
N ILE A 530 -23.94 8.28 -2.96
CA ILE A 530 -24.90 7.17 -2.92
C ILE A 530 -24.40 5.89 -3.56
N LEU A 531 -23.25 5.92 -4.26
CA LEU A 531 -22.78 4.70 -4.91
C LEU A 531 -22.37 3.62 -3.91
N ARG A 532 -21.53 3.98 -2.92
CA ARG A 532 -21.07 2.97 -1.97
C ARG A 532 -21.46 3.24 -0.53
N ASP A 533 -21.64 4.49 -0.13
CA ASP A 533 -21.95 4.79 1.27
C ASP A 533 -23.38 4.42 1.61
N LEU A 534 -24.34 4.83 0.77
CA LEU A 534 -25.75 4.60 1.09
C LEU A 534 -26.08 3.12 1.02
N LEU A 535 -25.42 2.37 0.13
CA LEU A 535 -25.68 0.94 0.00
C LEU A 535 -25.21 0.19 1.24
N ARG A 536 -23.99 0.48 1.68
CA ARG A 536 -23.44 -0.20 2.85
C ARG A 536 -24.20 0.21 4.10
N PHE A 537 -24.54 1.49 4.23
CA PHE A 537 -25.28 1.94 5.40
C PHE A 537 -26.66 1.30 5.44
N LEU A 538 -27.32 1.18 4.29
CA LEU A 538 -28.63 0.53 4.24
C LEU A 538 -28.51 -0.96 4.58
N LEU A 539 -27.45 -1.62 4.11
CA LEU A 539 -27.28 -3.03 4.39
C LEU A 539 -27.03 -3.28 5.88
N VAL A 540 -26.12 -2.51 6.48
CA VAL A 540 -25.84 -2.70 7.90
C VAL A 540 -27.05 -2.30 8.74
N TYR A 541 -27.80 -1.27 8.31
CA TYR A 541 -29.00 -0.89 9.04
C TYR A 541 -30.07 -1.96 8.93
N LEU A 542 -30.16 -2.61 7.78
CA LEU A 542 -31.11 -3.71 7.62
C LEU A 542 -30.73 -4.90 8.50
N VAL A 543 -29.43 -5.20 8.59
CA VAL A 543 -29.00 -6.29 9.46
C VAL A 543 -29.29 -5.96 10.92
N PHE A 544 -29.00 -4.72 11.34
CA PHE A 544 -29.27 -4.32 12.72
C PHE A 544 -30.76 -4.31 13.02
N LEU A 545 -31.57 -3.89 12.04
CA LEU A 545 -33.02 -3.87 12.22
C LEU A 545 -33.57 -5.28 12.28
N PHE A 546 -33.00 -6.20 11.49
CA PHE A 546 -33.43 -7.60 11.56
C PHE A 546 -33.09 -8.19 12.92
N GLY A 547 -31.91 -7.89 13.45
CA GLY A 547 -31.56 -8.38 14.76
C GLY A 547 -32.45 -7.80 15.86
N PHE A 548 -32.74 -6.50 15.78
CA PHE A 548 -33.59 -5.87 16.78
C PHE A 548 -35.03 -6.36 16.68
N ALA A 549 -35.51 -6.57 15.47
CA ALA A 549 -36.88 -7.07 15.30
C ALA A 549 -37.00 -8.52 15.74
N VAL A 550 -35.95 -9.33 15.52
CA VAL A 550 -35.97 -10.70 16.03
C VAL A 550 -35.93 -10.70 17.55
N ALA A 551 -35.18 -9.78 18.15
CA ALA A 551 -35.20 -9.66 19.60
C ALA A 551 -36.56 -9.21 20.11
N LEU A 552 -37.23 -8.32 19.37
CA LEU A 552 -38.54 -7.84 19.78
C LEU A 552 -39.59 -8.94 19.66
N VAL A 553 -39.53 -9.74 18.60
CA VAL A 553 -40.48 -10.84 18.45
C VAL A 553 -40.18 -11.96 19.43
N SER A 554 -38.92 -12.09 19.88
CA SER A 554 -38.60 -13.07 20.92
C SER A 554 -39.07 -12.61 22.29
N LEU A 555 -38.90 -11.33 22.62
CA LEU A 555 -39.29 -10.84 23.94
C LEU A 555 -40.80 -10.65 24.06
N SER A 556 -41.47 -10.22 22.99
CA SER A 556 -42.89 -9.95 23.04
C SER A 556 -43.70 -11.25 22.98
N ARG A 557 -43.50 -12.02 21.90
CA ARG A 557 -44.22 -13.27 21.67
C ARG A 557 -45.73 -13.09 21.75
N SER A 589 -45.54 -11.06 13.52
CA SER A 589 -44.80 -11.20 12.27
C SER A 589 -43.44 -10.53 12.38
N ILE A 590 -42.49 -10.99 11.54
CA ILE A 590 -41.17 -10.40 11.54
C ILE A 590 -41.17 -9.03 10.85
N LEU A 591 -41.93 -9.00 9.77
CA LEU A 591 -42.14 -7.84 8.92
C LEU A 591 -42.83 -6.72 9.69
N ASP A 592 -43.77 -7.09 10.56
CA ASP A 592 -44.48 -6.11 11.35
C ASP A 592 -43.51 -5.36 12.26
N ALA A 593 -42.58 -6.10 12.86
CA ALA A 593 -41.58 -5.50 13.74
C ALA A 593 -40.69 -4.54 12.93
N SER A 594 -40.34 -4.96 11.72
CA SER A 594 -39.52 -4.14 10.84
C SER A 594 -40.25 -2.85 10.48
N LEU A 595 -41.55 -2.97 10.24
CA LEU A 595 -42.40 -1.83 9.90
C LEU A 595 -42.45 -0.87 11.07
N GLU A 596 -42.54 -1.44 12.28
CA GLU A 596 -42.56 -0.64 13.50
C GLU A 596 -41.25 0.12 13.63
N LEU A 597 -40.15 -0.56 13.33
CA LEU A 597 -38.82 0.07 13.38
C LEU A 597 -38.73 1.20 12.36
N PHE A 598 -39.30 0.99 11.18
CA PHE A 598 -39.32 1.99 10.13
C PHE A 598 -40.10 3.21 10.58
N LYS A 599 -41.23 2.98 11.26
CA LYS A 599 -42.03 4.07 11.79
C LYS A 599 -41.22 4.83 12.83
N PHE A 600 -40.54 4.06 13.68
CA PHE A 600 -39.68 4.62 14.71
C PHE A 600 -38.56 5.36 13.99
N THR A 601 -38.05 4.78 12.91
CA THR A 601 -37.00 5.46 12.18
C THR A 601 -37.48 6.84 11.78
N ILE A 602 -38.72 6.98 11.34
CA ILE A 602 -39.12 8.34 11.02
C ILE A 602 -39.05 9.16 12.30
N GLY A 603 -39.47 8.52 13.39
CA GLY A 603 -39.51 9.11 14.72
C GLY A 603 -40.86 9.74 15.01
N MET A 604 -41.74 9.77 14.02
CA MET A 604 -43.06 10.33 14.18
C MET A 604 -44.16 9.34 13.83
N LEU A 613 -39.70 -4.36 37.35
CA LEU A 613 -39.43 -3.43 36.25
C LEU A 613 -38.06 -3.72 35.63
N ARG A 614 -37.53 -4.92 35.91
CA ARG A 614 -36.25 -5.29 35.33
C ARG A 614 -36.39 -5.57 33.83
N PHE A 615 -37.49 -6.22 33.43
CA PHE A 615 -37.72 -6.46 32.01
C PHE A 615 -38.02 -5.16 31.27
N ARG A 616 -38.68 -4.21 31.94
CA ARG A 616 -38.96 -2.94 31.28
C ARG A 616 -37.69 -2.14 31.10
N GLY A 617 -36.83 -2.11 32.12
CA GLY A 617 -35.54 -1.46 31.97
C GLY A 617 -34.65 -2.14 30.96
N VAL A 618 -34.75 -3.47 30.84
CA VAL A 618 -33.97 -4.19 29.84
C VAL A 618 -34.46 -3.85 28.43
N VAL A 619 -35.78 -3.73 28.26
CA VAL A 619 -36.30 -3.36 26.94
C VAL A 619 -35.92 -1.92 26.61
N LEU A 620 -35.94 -1.04 27.60
CA LEU A 620 -35.52 0.34 27.38
C LEU A 620 -34.03 0.41 27.03
N LEU A 621 -33.22 -0.42 27.69
CA LEU A 621 -31.79 -0.46 27.38
C LEU A 621 -31.54 -1.02 25.99
N LEU A 622 -32.34 -2.00 25.56
CA LEU A 622 -32.21 -2.53 24.21
C LEU A 622 -32.58 -1.46 23.17
N LEU A 623 -33.65 -0.71 23.43
CA LEU A 623 -34.01 0.36 22.50
C LEU A 623 -32.94 1.44 22.49
N LEU A 624 -32.34 1.72 23.65
CA LEU A 624 -31.25 2.70 23.71
C LEU A 624 -30.03 2.22 22.95
N ALA A 625 -29.72 0.93 23.04
CA ALA A 625 -28.58 0.38 22.29
C ALA A 625 -28.84 0.43 20.79
N TYR A 626 -30.08 0.17 20.37
CA TYR A 626 -30.39 0.26 18.95
C TYR A 626 -30.29 1.70 18.45
N VAL A 627 -30.79 2.65 19.23
CA VAL A 627 -30.69 4.06 18.85
C VAL A 627 -29.24 4.52 18.85
N LEU A 628 -28.44 4.03 19.80
CA LEU A 628 -27.02 4.38 19.85
C LEU A 628 -26.27 3.83 18.65
N LEU A 629 -26.58 2.60 18.24
CA LEU A 629 -25.93 2.03 17.06
C LEU A 629 -26.36 2.78 15.80
N THR A 630 -27.63 3.18 15.72
CA THR A 630 -28.08 3.97 14.58
C THR A 630 -27.37 5.32 14.54
N TYR A 631 -27.19 5.96 15.70
CA TYR A 631 -26.49 7.23 15.75
C TYR A 631 -25.02 7.07 15.38
N VAL A 632 -24.41 5.95 15.79
CA VAL A 632 -23.02 5.69 15.44
C VAL A 632 -22.88 5.51 13.94
N LEU A 633 -23.84 4.81 13.31
CA LEU A 633 -23.81 4.65 11.86
C LEU A 633 -24.03 5.98 11.15
N LEU A 634 -24.93 6.82 11.68
CA LEU A 634 -25.16 8.12 11.08
C LEU A 634 -23.91 9.00 11.17
N LEU A 635 -23.18 8.93 12.28
CA LEU A 635 -21.95 9.70 12.40
C LEU A 635 -20.83 9.13 11.54
N ASN A 636 -20.82 7.81 11.34
CA ASN A 636 -19.80 7.18 10.50
C ASN A 636 -20.02 7.46 9.03
N MET A 637 -21.26 7.67 8.60
CA MET A 637 -21.53 7.95 7.19
C MET A 637 -20.97 9.31 6.74
N LEU A 638 -20.70 10.22 7.67
CA LEU A 638 -20.06 11.48 7.30
C LEU A 638 -18.58 11.32 6.94
N ILE A 639 -17.93 10.26 7.43
CA ILE A 639 -16.49 10.09 7.19
C ILE A 639 -16.20 9.77 5.73
N ALA A 640 -17.08 9.03 5.06
CA ALA A 640 -16.87 8.78 3.63
C ALA A 640 -16.96 10.07 2.82
N LEU A 641 -17.91 10.94 3.16
CA LEU A 641 -17.99 12.23 2.49
C LEU A 641 -16.78 13.10 2.83
N MET A 642 -16.25 12.98 4.05
CA MET A 642 -15.07 13.76 4.41
C MET A 642 -13.84 13.28 3.63
N SER A 643 -13.72 11.96 3.41
CA SER A 643 -12.62 11.46 2.61
C SER A 643 -12.77 11.87 1.14
N GLU A 644 -14.01 11.86 0.63
CA GLU A 644 -14.22 12.30 -0.74
C GLU A 644 -13.95 13.80 -0.89
N THR A 645 -14.14 14.57 0.17
CA THR A 645 -13.76 15.98 0.12
C THR A 645 -12.26 16.16 0.32
N VAL A 646 -11.61 15.19 0.96
CA VAL A 646 -10.16 15.21 1.07
C VAL A 646 -9.54 15.00 -0.30
N ASN A 647 -10.20 14.19 -1.13
CA ASN A 647 -9.71 13.98 -2.48
C ASN A 647 -9.81 15.28 -3.29
N SER A 648 -8.97 15.38 -4.31
CA SER A 648 -8.94 16.58 -5.17
C SER A 648 -10.23 16.62 -5.98
N VAL A 649 -11.28 17.14 -5.35
CA VAL A 649 -12.60 17.12 -5.98
C VAL A 649 -12.77 18.25 -6.99
N ALA A 650 -12.04 19.36 -6.86
CA ALA A 650 -12.29 20.50 -7.73
C ALA A 650 -11.87 20.21 -9.17
N THR A 651 -10.68 19.66 -9.35
CA THR A 651 -10.25 19.30 -10.70
C THR A 651 -11.03 18.10 -11.25
N ASP A 652 -11.41 17.16 -10.39
CA ASP A 652 -12.06 15.92 -10.82
C ASP A 652 -13.56 16.03 -11.04
N SER A 653 -14.29 16.83 -10.26
CA SER A 653 -15.74 16.89 -10.41
C SER A 653 -16.15 17.51 -11.74
N TRP A 654 -15.49 18.59 -12.13
CA TRP A 654 -15.77 19.21 -13.42
C TRP A 654 -15.42 18.27 -14.57
N SER A 655 -14.31 17.53 -14.44
CA SER A 655 -13.93 16.58 -15.47
C SER A 655 -14.91 15.43 -15.60
N ILE A 656 -15.39 14.91 -14.47
CA ILE A 656 -16.34 13.80 -14.55
C ILE A 656 -17.70 14.28 -15.05
N TRP A 657 -18.07 15.53 -14.75
CA TRP A 657 -19.29 16.08 -15.34
C TRP A 657 -19.16 16.21 -16.84
N LYS A 658 -18.00 16.68 -17.32
CA LYS A 658 -17.76 16.73 -18.76
C LYS A 658 -17.82 15.33 -19.37
N LEU A 659 -17.31 14.32 -18.67
CA LEU A 659 -17.41 12.95 -19.16
C LEU A 659 -18.85 12.50 -19.30
N GLN A 660 -19.68 12.81 -18.30
CA GLN A 660 -21.09 12.45 -18.37
C GLN A 660 -21.77 13.15 -19.54
N LYS A 661 -21.46 14.43 -19.73
CA LYS A 661 -22.02 15.18 -20.85
C LYS A 661 -21.59 14.58 -22.19
N ALA A 662 -20.36 14.08 -22.26
CA ALA A 662 -19.87 13.47 -23.50
C ALA A 662 -20.58 12.17 -23.79
N ILE A 663 -20.80 11.34 -22.76
CA ILE A 663 -21.56 10.11 -22.95
C ILE A 663 -22.97 10.43 -23.43
N SER A 664 -23.57 11.47 -22.84
CA SER A 664 -24.90 11.89 -23.28
C SER A 664 -24.88 12.36 -24.73
N VAL A 665 -23.83 13.08 -25.13
CA VAL A 665 -23.72 13.55 -26.51
C VAL A 665 -23.67 12.38 -27.47
N LEU A 666 -22.89 11.34 -27.14
CA LEU A 666 -22.79 10.20 -28.04
C LEU A 666 -24.09 9.43 -28.12
N GLU A 667 -24.74 9.18 -26.98
CA GLU A 667 -26.00 8.45 -27.01
C GLU A 667 -27.10 9.22 -27.72
N MET A 668 -27.11 10.56 -27.59
CA MET A 668 -28.08 11.36 -28.32
C MET A 668 -27.77 11.39 -29.81
N GLU A 669 -26.49 11.35 -30.18
CA GLU A 669 -26.13 11.29 -31.59
C GLU A 669 -26.50 9.96 -32.23
N ASN A 670 -26.63 8.89 -31.43
CA ASN A 670 -27.05 7.62 -32.01
C ASN A 670 -28.49 7.67 -32.54
N GLY A 671 -29.45 8.05 -31.69
CA GLY A 671 -30.84 8.15 -32.08
C GLY A 671 -31.69 6.93 -31.79
N TYR A 672 -31.07 5.75 -31.72
CA TYR A 672 -31.70 4.48 -31.33
C TYR A 672 -32.53 3.87 -32.46
N TRP A 673 -33.44 4.65 -33.07
CA TRP A 673 -34.07 4.19 -34.32
C TRP A 673 -33.84 5.10 -35.51
N TRP A 674 -33.63 6.40 -35.30
CA TRP A 674 -33.19 7.29 -36.38
C TRP A 674 -31.66 7.31 -36.40
N CYS A 675 -31.10 6.16 -36.79
CA CYS A 675 -29.67 5.91 -36.59
C CYS A 675 -28.79 6.71 -37.53
N ARG A 676 -29.31 7.17 -38.67
CA ARG A 676 -28.51 7.91 -39.62
C ARG A 676 -28.32 9.37 -39.22
N ARG A 677 -28.79 9.77 -38.04
CA ARG A 677 -28.60 11.15 -37.60
C ARG A 677 -27.12 11.46 -37.42
N LYS A 678 -26.37 10.52 -36.83
CA LYS A 678 -24.93 10.68 -36.70
C LYS A 678 -24.25 10.51 -38.05
N LYS A 679 -24.45 11.49 -38.95
CA LYS A 679 -23.91 11.42 -40.31
C LYS A 679 -23.32 12.75 -40.73
N GLN A 680 -22.74 13.50 -39.78
CA GLN A 680 -22.13 14.79 -40.09
C GLN A 680 -20.77 14.86 -39.42
N ARG A 681 -19.73 14.97 -40.24
CA ARG A 681 -18.38 15.18 -39.76
C ARG A 681 -18.24 16.56 -39.10
N ALA A 682 -17.39 16.63 -38.08
CA ALA A 682 -17.07 17.91 -37.47
C ALA A 682 -15.81 18.48 -38.13
N GLY A 683 -15.68 19.80 -38.06
CA GLY A 683 -14.50 20.47 -38.57
C GLY A 683 -14.60 20.83 -40.05
N VAL A 684 -13.57 21.54 -40.51
CA VAL A 684 -13.46 21.99 -41.90
C VAL A 684 -12.20 21.38 -42.50
N MET A 685 -12.34 20.76 -43.66
CA MET A 685 -11.20 20.11 -44.31
C MET A 685 -10.27 21.15 -44.92
N LEU A 686 -8.98 21.05 -44.57
CA LEU A 686 -7.97 22.03 -44.96
C LEU A 686 -6.70 21.30 -45.36
N THR A 687 -5.93 21.92 -46.26
CA THR A 687 -4.64 21.37 -46.69
C THR A 687 -3.56 21.88 -45.74
N VAL A 688 -3.06 20.98 -44.88
CA VAL A 688 -2.16 21.39 -43.81
C VAL A 688 -0.72 21.54 -44.34
N GLY A 689 -0.30 20.67 -45.24
CA GLY A 689 1.05 20.74 -45.77
C GLY A 689 1.36 19.67 -46.81
N THR A 690 2.60 19.21 -46.83
CA THR A 690 3.01 18.10 -47.69
C THR A 690 3.51 16.94 -46.85
N ARG A 691 3.17 15.73 -47.27
CA ARG A 691 3.61 14.52 -46.60
C ARG A 691 5.06 14.24 -47.00
N PRO A 692 5.66 13.19 -46.43
CA PRO A 692 6.85 12.63 -47.09
C PRO A 692 6.52 12.16 -48.49
N ASP A 693 5.34 11.58 -48.67
CA ASP A 693 4.78 11.42 -50.00
C ASP A 693 4.54 12.80 -50.61
N GLY A 694 4.53 12.85 -51.95
CA GLY A 694 4.26 14.10 -52.63
C GLY A 694 2.84 14.60 -52.51
N SER A 695 1.90 13.71 -52.13
CA SER A 695 0.50 14.06 -52.08
C SER A 695 0.24 15.14 -51.03
N PRO A 696 -0.76 15.99 -51.25
CA PRO A 696 -1.07 17.03 -50.27
C PRO A 696 -1.66 16.44 -49.00
N ASP A 697 -1.29 17.05 -47.88
CA ASP A 697 -1.82 16.64 -46.58
C ASP A 697 -3.19 17.27 -46.42
N GLU A 698 -4.23 16.46 -46.53
CA GLU A 698 -5.61 16.90 -46.35
C GLU A 698 -6.16 16.19 -45.13
N ARG A 699 -6.55 16.97 -44.13
CA ARG A 699 -7.07 16.41 -42.89
C ARG A 699 -8.19 17.29 -42.34
N TRP A 700 -9.14 16.65 -41.67
CA TRP A 700 -10.30 17.33 -41.11
C TRP A 700 -9.85 18.03 -39.83
N CYS A 701 -9.69 19.35 -39.90
CA CYS A 701 -9.18 20.12 -38.78
C CYS A 701 -10.31 20.83 -38.04
N PHE A 702 -10.10 21.00 -36.73
CA PHE A 702 -10.98 21.74 -35.85
C PHE A 702 -10.24 22.99 -35.39
N ARG A 703 -10.92 24.13 -35.43
CA ARG A 703 -10.28 25.41 -35.10
C ARG A 703 -10.43 25.69 -33.63
N VAL A 704 -9.33 26.15 -33.02
CA VAL A 704 -9.29 26.48 -31.60
C VAL A 704 -8.57 27.82 -31.43
N GLY A 705 -9.23 28.78 -30.79
CA GLY A 705 -8.59 30.05 -30.53
C GLY A 705 -7.70 29.98 -29.29
N GLU A 706 -6.59 30.72 -29.34
CA GLU A 706 -5.62 30.76 -28.26
C GLU A 706 -5.08 32.18 -28.14
N MET A 707 -4.66 32.53 -26.93
CA MET A 707 -4.00 33.82 -26.69
C MET A 707 -2.86 33.59 -25.71
N ASN A 708 -1.63 33.80 -26.17
CA ASN A 708 -0.43 33.56 -25.37
C ASN A 708 0.41 34.83 -25.36
N TRP A 709 0.75 35.31 -24.16
CA TRP A 709 1.57 36.50 -24.00
C TRP A 709 3.06 36.20 -23.86
N ALA A 710 3.47 34.92 -23.92
CA ALA A 710 4.86 34.54 -23.72
C ALA A 710 5.57 34.14 -25.01
N THR A 711 4.94 34.34 -26.17
CA THR A 711 5.51 33.91 -27.44
C THR A 711 6.53 34.88 -28.02
N TRP A 712 6.85 35.97 -27.33
CA TRP A 712 7.70 37.00 -27.93
C TRP A 712 9.17 36.61 -27.91
N GLU A 713 9.62 35.87 -26.88
CA GLU A 713 10.98 35.36 -26.90
C GLU A 713 11.10 34.15 -27.81
N GLN A 714 10.02 33.39 -27.97
CA GLN A 714 10.05 32.22 -28.83
C GLN A 714 10.04 32.64 -30.30
N THR A 715 10.40 31.69 -31.16
CA THR A 715 10.40 31.92 -32.59
C THR A 715 8.98 31.84 -33.14
N LEU A 716 8.71 32.67 -34.15
CA LEU A 716 7.39 32.68 -34.74
C LEU A 716 7.19 31.39 -35.53
N PRO A 717 6.05 30.71 -35.38
CA PRO A 717 5.84 29.45 -36.08
C PRO A 717 5.39 29.65 -37.51
N ARG A 718 5.50 28.57 -38.29
CA ARG A 718 5.06 28.59 -39.67
C ARG A 718 3.53 28.64 -39.72
N THR A 719 3.00 29.53 -40.55
CA THR A 719 1.57 29.75 -40.66
C THR A 719 1.06 29.23 -42.01
N LEU A 720 -0.19 28.80 -42.02
CA LEU A 720 -0.86 28.47 -43.27
C LEU A 720 -1.27 29.72 -44.03
N CYS A 721 -2.02 30.59 -43.38
CA CYS A 721 -2.40 31.89 -43.91
C CYS A 721 -1.56 32.99 -43.29
N GLU A 722 -1.07 33.90 -44.13
CA GLU A 722 -0.28 35.02 -43.61
C GLU A 722 -1.16 36.05 -42.91
N GLU A 723 -2.43 36.16 -43.31
CA GLU A 723 -3.35 37.15 -42.78
C GLU A 723 -4.55 36.49 -42.13
N PRO A 724 -5.07 37.05 -41.04
CA PRO A 724 -6.25 36.46 -40.37
C PRO A 724 -7.47 36.42 -41.27
N SER A 725 -7.84 35.23 -41.71
CA SER A 725 -8.95 35.02 -42.63
C SER A 725 -9.96 34.09 -42.00
N GLY A 726 -11.24 34.44 -42.14
CA GLY A 726 -12.35 33.67 -41.62
C GLY A 726 -12.22 33.42 -40.12
N ASP B 68 53.94 20.94 55.65
CA ASP B 68 53.42 19.63 55.28
C ASP B 68 53.25 18.74 56.51
N LEU B 69 52.01 18.61 56.98
CA LEU B 69 51.73 17.78 58.13
C LEU B 69 51.75 16.30 57.75
N ASN B 70 52.16 15.47 58.70
CA ASN B 70 52.43 14.06 58.43
C ASN B 70 51.17 13.22 58.66
N ARG B 71 50.17 13.50 57.84
CA ARG B 71 48.88 12.82 57.90
C ARG B 71 48.20 12.99 56.55
N PHE B 72 47.29 12.07 56.24
CA PHE B 72 46.58 12.10 54.97
C PHE B 72 45.14 11.65 55.19
N ASP B 73 44.27 12.62 55.42
CA ASP B 73 42.84 12.41 55.57
C ASP B 73 42.25 12.20 54.18
N ARG B 74 40.94 11.91 54.13
CA ARG B 74 40.29 11.80 52.84
C ARG B 74 40.26 13.14 52.12
N ASP B 75 40.07 14.23 52.87
CA ASP B 75 39.94 15.55 52.25
C ASP B 75 41.27 16.00 51.64
N ARG B 76 42.37 15.79 52.36
CA ARG B 76 43.69 16.13 51.81
C ARG B 76 43.95 15.36 50.53
N LEU B 77 43.60 14.07 50.50
CA LEU B 77 43.86 13.25 49.32
C LEU B 77 43.00 13.69 48.14
N PHE B 78 41.71 13.94 48.39
CA PHE B 78 40.83 14.39 47.31
C PHE B 78 41.29 15.72 46.73
N ASN B 79 41.67 16.67 47.59
CA ASN B 79 42.13 17.96 47.08
C ASN B 79 43.47 17.82 46.35
N VAL B 80 44.33 16.90 46.80
CA VAL B 80 45.63 16.75 46.16
C VAL B 80 45.47 16.14 44.77
N VAL B 81 44.60 15.14 44.64
CA VAL B 81 44.39 14.55 43.32
C VAL B 81 43.55 15.45 42.42
N ALA B 82 42.75 16.37 42.99
CA ALA B 82 42.01 17.32 42.17
C ALA B 82 42.86 18.48 41.69
N ARG B 83 43.84 18.92 42.50
CA ARG B 83 44.63 20.09 42.14
C ARG B 83 45.50 19.85 40.91
N GLY B 84 46.00 18.64 40.72
CA GLY B 84 46.77 18.29 39.54
C GLY B 84 48.26 18.46 39.67
N ASN B 85 48.79 18.62 40.88
CA ASN B 85 50.23 18.66 41.09
C ASN B 85 50.66 17.35 41.75
N PRO B 86 51.52 16.55 41.11
CA PRO B 86 51.91 15.28 41.74
C PRO B 86 52.89 15.43 42.88
N GLU B 87 53.64 16.53 42.94
CA GLU B 87 54.64 16.71 43.98
C GLU B 87 54.01 16.86 45.37
N ASP B 88 52.73 17.20 45.42
CA ASP B 88 52.01 17.25 46.69
C ASP B 88 51.63 15.87 47.21
N LEU B 89 51.83 14.83 46.42
CA LEU B 89 51.59 13.46 46.85
C LEU B 89 52.75 12.87 47.66
N ALA B 90 53.77 13.65 47.97
CA ALA B 90 54.89 13.13 48.73
C ALA B 90 54.45 12.76 50.14
N GLY B 91 54.91 11.59 50.60
CA GLY B 91 54.61 11.12 51.93
C GLY B 91 53.36 10.27 52.05
N LEU B 92 52.56 10.16 50.98
CA LEU B 92 51.35 9.34 51.04
C LEU B 92 51.68 7.87 51.18
N LEU B 93 52.66 7.38 50.40
CA LEU B 93 52.99 5.97 50.43
C LEU B 93 53.58 5.56 51.78
N GLU B 94 54.42 6.42 52.36
CA GLU B 94 54.96 6.15 53.69
C GLU B 94 53.84 6.13 54.73
N TYR B 95 52.85 7.03 54.57
CA TYR B 95 51.72 7.04 55.49
C TYR B 95 50.90 5.76 55.37
N LEU B 96 50.73 5.27 54.14
CA LEU B 96 49.95 4.05 53.96
C LEU B 96 50.70 2.83 54.47
N ARG B 97 52.03 2.85 54.40
CA ARG B 97 52.82 1.76 54.97
C ARG B 97 52.82 1.81 56.50
N ARG B 98 52.80 3.01 57.08
CA ARG B 98 52.84 3.15 58.53
C ARG B 98 51.48 2.84 59.16
N THR B 99 50.40 3.39 58.60
CA THR B 99 49.07 3.24 59.18
C THR B 99 48.41 1.91 58.84
N SER B 100 48.97 1.16 57.90
CA SER B 100 48.46 -0.15 57.51
C SER B 100 47.00 -0.10 57.06
N LYS B 101 46.68 0.90 56.24
CA LYS B 101 45.36 1.00 55.61
C LYS B 101 45.56 1.21 54.12
N TYR B 102 44.58 0.78 53.33
CA TYR B 102 44.65 0.84 51.88
C TYR B 102 43.74 1.95 51.35
N LEU B 103 43.98 2.34 50.10
CA LEU B 103 43.27 3.45 49.49
C LEU B 103 41.79 3.15 49.20
N THR B 104 41.42 1.87 49.12
CA THR B 104 40.04 1.49 48.86
C THR B 104 39.23 1.30 50.15
N ASP B 105 39.82 1.59 51.31
CA ASP B 105 39.16 1.38 52.58
C ASP B 105 38.01 2.37 52.76
N SER B 106 37.21 2.12 53.80
CA SER B 106 36.01 2.89 54.04
C SER B 106 36.30 4.35 54.43
N GLU B 107 37.50 4.64 54.91
CA GLU B 107 37.85 6.00 55.25
C GLU B 107 38.01 6.87 54.01
N TYR B 108 38.62 6.33 52.96
CA TYR B 108 38.94 7.09 51.76
C TYR B 108 37.80 7.10 50.75
N THR B 109 36.64 6.56 51.11
CA THR B 109 35.44 6.66 50.29
C THR B 109 34.55 7.78 50.79
N GLU B 110 33.45 8.01 50.07
CA GLU B 110 32.40 8.89 50.57
C GLU B 110 31.57 8.12 51.61
N GLY B 111 30.59 8.79 52.21
CA GLY B 111 29.84 8.15 53.26
C GLY B 111 28.83 7.11 52.81
N SER B 112 27.97 7.48 51.87
CA SER B 112 26.94 6.57 51.38
C SER B 112 27.40 5.83 50.13
N THR B 113 27.82 6.57 49.11
CA THR B 113 28.24 6.00 47.84
C THR B 113 29.74 5.82 47.85
N GLY B 114 30.19 4.57 47.76
CA GLY B 114 31.62 4.29 47.73
C GLY B 114 32.26 5.00 46.56
N LYS B 115 33.04 6.04 46.85
CA LYS B 115 33.69 6.84 45.83
C LYS B 115 35.19 6.88 46.14
N THR B 116 36.01 6.59 45.15
CA THR B 116 37.45 6.52 45.36
C THR B 116 38.12 7.83 44.97
N CYS B 117 39.39 7.94 45.36
CA CYS B 117 40.20 9.10 44.99
C CYS B 117 40.49 9.13 43.50
N LEU B 118 40.55 7.95 42.87
CA LEU B 118 40.74 7.90 41.43
C LEU B 118 39.54 8.48 40.69
N MET B 119 38.33 8.23 41.21
CA MET B 119 37.14 8.82 40.60
C MET B 119 37.15 10.34 40.72
N LYS B 120 37.58 10.86 41.88
CA LYS B 120 37.71 12.30 42.02
C LYS B 120 38.77 12.86 41.09
N ALA B 121 39.84 12.10 40.86
CA ALA B 121 40.90 12.55 39.96
C ALA B 121 40.41 12.59 38.51
N VAL B 122 39.61 11.59 38.12
CA VAL B 122 39.13 11.54 36.74
C VAL B 122 38.00 12.55 36.51
N LEU B 123 37.19 12.84 37.53
CA LEU B 123 36.13 13.82 37.37
C LEU B 123 36.69 15.20 37.04
N ASN B 124 37.84 15.55 37.62
CA ASN B 124 38.47 16.86 37.41
C ASN B 124 39.63 16.65 36.45
N LEU B 125 39.33 16.71 35.15
CA LEU B 125 40.33 16.55 34.11
C LEU B 125 40.66 17.92 33.51
N GLN B 126 41.94 18.30 33.61
CA GLN B 126 42.44 19.51 32.95
C GLN B 126 42.76 19.15 31.50
N ASP B 127 41.99 19.72 30.56
CA ASP B 127 42.21 19.55 29.12
C ASP B 127 42.22 18.09 28.69
N GLY B 128 41.60 17.20 29.46
CA GLY B 128 41.47 15.81 29.13
C GLY B 128 42.35 14.87 29.93
N VAL B 129 43.44 15.37 30.51
CA VAL B 129 44.36 14.54 31.27
C VAL B 129 44.39 15.00 32.72
N ASN B 130 44.92 14.13 33.57
CA ASN B 130 45.23 14.48 34.96
C ASN B 130 46.57 13.84 35.32
N ALA B 131 47.48 14.65 35.86
CA ALA B 131 48.84 14.21 36.11
C ALA B 131 48.98 13.34 37.35
N CYS B 132 47.96 13.29 38.21
CA CYS B 132 48.05 12.54 39.45
C CYS B 132 47.66 11.07 39.31
N ILE B 133 47.05 10.67 38.18
CA ILE B 133 46.42 9.37 38.11
C ILE B 133 47.45 8.24 38.11
N GLN B 134 48.44 8.33 37.22
CA GLN B 134 49.40 7.24 37.14
C GLN B 134 50.30 7.18 38.37
N PRO B 135 50.72 8.31 38.96
CA PRO B 135 51.41 8.21 40.27
C PRO B 135 50.52 7.63 41.35
N LEU B 136 49.23 7.97 41.36
CA LEU B 136 48.31 7.42 42.35
C LEU B 136 48.19 5.91 42.20
N LEU B 137 48.12 5.42 40.97
CA LEU B 137 47.98 3.98 40.75
C LEU B 137 49.29 3.25 41.03
N GLU B 138 50.43 3.88 40.74
CA GLU B 138 51.70 3.29 41.13
C GLU B 138 51.82 3.19 42.65
N ILE B 139 51.34 4.21 43.36
CA ILE B 139 51.36 4.18 44.83
C ILE B 139 50.45 3.07 45.35
N ASP B 140 49.26 2.94 44.77
CA ASP B 140 48.34 1.90 45.24
C ASP B 140 48.85 0.50 44.92
N ARG B 141 49.57 0.33 43.82
CA ARG B 141 50.15 -0.97 43.54
C ARG B 141 51.35 -1.26 44.45
N ASP B 142 52.09 -0.21 44.83
CA ASP B 142 53.20 -0.38 45.77
C ASP B 142 52.70 -0.60 47.20
N SER B 143 51.46 -0.21 47.51
CA SER B 143 50.90 -0.44 48.83
C SER B 143 50.41 -1.87 49.02
N GLY B 144 50.45 -2.69 47.97
CA GLY B 144 50.10 -4.10 48.07
C GLY B 144 48.62 -4.38 48.28
N ASN B 145 47.75 -3.61 47.62
CA ASN B 145 46.31 -3.78 47.79
C ASN B 145 45.83 -4.97 46.96
N PRO B 146 45.12 -5.93 47.56
CA PRO B 146 44.60 -7.05 46.76
C PRO B 146 43.47 -6.64 45.83
N GLN B 147 42.54 -5.81 46.31
CA GLN B 147 41.52 -5.24 45.45
C GLN B 147 42.04 -3.90 44.95
N PRO B 148 42.50 -3.83 43.69
CA PRO B 148 43.23 -2.64 43.24
C PRO B 148 42.31 -1.44 43.14
N LEU B 149 42.94 -0.25 43.17
CA LEU B 149 42.17 0.99 43.18
C LEU B 149 41.45 1.24 41.87
N VAL B 150 42.04 0.82 40.75
CA VAL B 150 41.50 1.20 39.44
C VAL B 150 40.16 0.50 39.19
N ASN B 151 40.00 -0.73 39.67
CA ASN B 151 38.80 -1.50 39.43
C ASN B 151 37.74 -1.29 40.50
N ALA B 152 37.96 -0.35 41.43
CA ALA B 152 37.01 -0.11 42.50
C ALA B 152 35.74 0.51 41.96
N GLN B 153 34.60 -0.05 42.36
CA GLN B 153 33.30 0.34 41.85
C GLN B 153 32.45 0.91 42.99
N CYS B 154 31.45 1.70 42.63
CA CYS B 154 30.58 2.31 43.62
C CYS B 154 29.78 1.25 44.36
N THR B 155 29.34 1.58 45.57
CA THR B 155 28.61 0.65 46.42
C THR B 155 27.13 0.96 46.54
N ASP B 156 26.75 2.23 46.53
CA ASP B 156 25.35 2.59 46.76
C ASP B 156 24.45 2.02 45.67
N GLU B 157 23.27 1.56 46.08
CA GLU B 157 22.35 0.90 45.17
C GLU B 157 21.84 1.83 44.08
N TYR B 158 21.92 3.15 44.30
CA TYR B 158 21.55 4.11 43.28
C TYR B 158 22.51 4.10 42.09
N TYR B 159 23.79 3.83 42.33
CA TYR B 159 24.87 4.15 41.41
C TYR B 159 25.83 2.98 41.26
N ARG B 160 25.33 1.75 41.46
CA ARG B 160 26.20 0.61 41.72
C ARG B 160 26.93 0.15 40.47
N GLY B 161 28.19 -0.25 40.65
CA GLY B 161 29.01 -0.79 39.58
C GLY B 161 29.78 0.25 38.80
N HIS B 162 29.54 1.53 39.05
CA HIS B 162 30.22 2.58 38.30
C HIS B 162 31.71 2.54 38.59
N SER B 163 32.51 2.65 37.53
CA SER B 163 33.96 2.53 37.62
C SER B 163 34.61 3.82 37.12
N ALA B 164 35.93 3.90 37.33
CA ALA B 164 36.68 5.05 36.82
C ALA B 164 36.69 5.07 35.31
N LEU B 165 36.68 3.90 34.68
CA LEU B 165 36.64 3.84 33.22
C LEU B 165 35.34 4.42 32.68
N HIS B 166 34.23 4.23 33.40
CA HIS B 166 32.98 4.84 32.99
C HIS B 166 33.08 6.37 33.00
N ILE B 167 33.73 6.93 34.01
CA ILE B 167 33.87 8.38 34.07
C ILE B 167 34.79 8.88 32.97
N ALA B 168 35.89 8.15 32.72
CA ALA B 168 36.80 8.57 31.66
C ALA B 168 36.15 8.47 30.29
N ILE B 169 35.23 7.53 30.11
CA ILE B 169 34.52 7.41 28.84
C ILE B 169 33.48 8.51 28.71
N GLU B 170 32.71 8.77 29.77
CA GLU B 170 31.65 9.77 29.70
C GLU B 170 32.21 11.17 29.53
N LYS B 171 33.40 11.44 30.07
CA LYS B 171 34.01 12.75 29.91
C LYS B 171 34.70 12.93 28.56
N ARG B 172 34.59 11.93 27.68
CA ARG B 172 35.07 12.03 26.29
C ARG B 172 36.57 12.31 26.24
N SER B 173 37.32 11.55 27.03
CA SER B 173 38.78 11.67 27.09
C SER B 173 39.39 10.33 26.69
N LEU B 174 39.90 10.25 25.46
CA LEU B 174 40.50 9.01 25.00
C LEU B 174 41.80 8.72 25.75
N GLN B 175 42.56 9.77 26.08
CA GLN B 175 43.85 9.56 26.74
C GLN B 175 43.66 9.01 28.14
N CYS B 176 42.63 9.47 28.84
CA CYS B 176 42.36 8.95 30.19
C CYS B 176 41.88 7.50 30.13
N VAL B 177 41.09 7.17 29.11
CA VAL B 177 40.66 5.79 28.93
C VAL B 177 41.87 4.90 28.67
N LYS B 178 42.77 5.35 27.80
CA LYS B 178 43.96 4.55 27.50
C LYS B 178 44.82 4.38 28.74
N LEU B 179 44.94 5.42 29.56
CA LEU B 179 45.73 5.33 30.77
C LEU B 179 45.10 4.37 31.77
N LEU B 180 43.77 4.40 31.89
CA LEU B 180 43.12 3.49 32.82
C LEU B 180 43.21 2.05 32.35
N VAL B 181 43.13 1.82 31.04
CA VAL B 181 43.23 0.45 30.55
C VAL B 181 44.66 -0.06 30.69
N GLU B 182 45.64 0.82 30.46
CA GLU B 182 47.03 0.42 30.64
C GLU B 182 47.36 0.17 32.12
N ASN B 183 46.63 0.79 33.03
CA ASN B 183 46.84 0.54 34.45
C ASN B 183 45.87 -0.50 35.01
N GLY B 184 45.27 -1.32 34.16
CA GLY B 184 44.52 -2.47 34.60
C GLY B 184 43.06 -2.24 34.94
N ALA B 185 42.35 -1.46 34.13
CA ALA B 185 40.92 -1.27 34.33
C ALA B 185 40.14 -2.41 33.70
N ASN B 186 39.11 -2.88 34.40
CA ASN B 186 38.20 -3.89 33.88
C ASN B 186 37.32 -3.25 32.81
N VAL B 187 37.65 -3.49 31.54
CA VAL B 187 36.92 -2.88 30.43
C VAL B 187 35.57 -3.56 30.25
N HIS B 188 35.27 -4.53 31.12
CA HIS B 188 33.96 -5.18 31.14
C HIS B 188 33.22 -4.97 32.45
N ALA B 189 33.55 -3.91 33.18
CA ALA B 189 32.94 -3.65 34.47
C ALA B 189 31.47 -3.25 34.28
N LYS B 190 30.57 -3.98 34.93
CA LYS B 190 29.14 -3.75 34.78
C LYS B 190 28.65 -2.77 35.84
N ALA B 191 27.98 -1.72 35.39
CA ALA B 191 27.43 -0.67 36.26
C ALA B 191 25.92 -0.87 36.31
N CYS B 192 25.45 -1.53 37.38
CA CYS B 192 24.08 -2.03 37.46
C CYS B 192 23.26 -1.31 38.52
N GLY B 193 23.49 -0.01 38.71
CA GLY B 193 22.73 0.76 39.67
C GLY B 193 21.35 1.10 39.19
N HIS B 194 20.61 1.85 40.02
CA HIS B 194 19.27 2.27 39.64
C HIS B 194 19.31 3.36 38.57
N PHE B 195 20.37 4.16 38.56
CA PHE B 195 20.52 5.19 37.54
C PHE B 195 20.74 4.59 36.16
N PHE B 196 21.28 3.36 36.10
CA PHE B 196 21.59 2.69 34.84
C PHE B 196 20.56 1.63 34.44
N GLN B 197 19.34 1.74 34.95
CA GLN B 197 18.25 0.86 34.53
C GLN B 197 17.23 1.65 33.71
N LYS B 198 16.37 0.92 33.02
CA LYS B 198 15.42 1.53 32.09
C LYS B 198 14.06 1.76 32.77
N ASN B 199 14.07 2.64 33.78
CA ASN B 199 12.85 3.10 34.41
C ASN B 199 12.39 4.46 33.89
N GLN B 200 13.14 5.05 32.96
CA GLN B 200 12.79 6.31 32.28
C GLN B 200 12.38 7.43 33.23
N ASP B 201 12.92 7.46 34.45
CA ASP B 201 12.70 8.57 35.38
C ASP B 201 14.04 9.24 35.66
N THR B 202 14.52 10.01 34.68
CA THR B 202 15.82 10.68 34.72
C THR B 202 16.94 9.69 35.05
N CYS B 203 16.94 8.57 34.32
CA CYS B 203 17.96 7.54 34.42
C CYS B 203 18.35 7.14 33.02
N PHE B 204 19.62 6.85 32.82
CA PHE B 204 20.17 6.63 31.49
C PHE B 204 20.54 5.16 31.33
N TYR B 205 19.73 4.41 30.59
CA TYR B 205 20.02 3.01 30.34
C TYR B 205 20.79 2.89 29.03
N PHE B 206 21.89 2.17 29.10
CA PHE B 206 22.71 1.76 27.98
C PHE B 206 23.14 0.35 28.31
N GLY B 207 24.01 -0.23 27.49
CA GLY B 207 24.65 -1.47 27.90
C GLY B 207 25.60 -1.15 29.03
N GLU B 208 25.43 -1.81 30.17
CA GLU B 208 26.13 -1.42 31.40
C GLU B 208 27.65 -1.41 31.21
N LEU B 209 28.16 -2.08 30.19
CA LEU B 209 29.57 -2.25 29.96
C LEU B 209 30.19 -0.95 29.43
N PRO B 210 31.51 -0.76 29.65
CA PRO B 210 32.19 0.40 29.06
C PRO B 210 32.10 0.46 27.54
N LEU B 211 32.21 -0.69 26.86
CA LEU B 211 32.08 -0.66 25.40
C LEU B 211 30.72 -0.13 24.98
N SER B 212 29.66 -0.52 25.69
CA SER B 212 28.33 -0.03 25.35
C SER B 212 28.17 1.45 25.69
N LEU B 213 28.88 1.95 26.69
CA LEU B 213 28.89 3.38 26.96
C LEU B 213 29.57 4.14 25.83
N ALA B 214 30.70 3.62 25.34
CA ALA B 214 31.38 4.29 24.24
C ALA B 214 30.56 4.23 22.95
N ALA B 215 29.79 3.14 22.77
CA ALA B 215 28.96 3.03 21.58
C ALA B 215 27.70 3.87 21.68
N CYS B 216 27.06 3.90 22.85
CA CYS B 216 25.82 4.65 23.02
C CYS B 216 26.05 6.15 23.04
N THR B 217 27.27 6.61 23.33
CA THR B 217 27.58 8.03 23.36
C THR B 217 28.36 8.49 22.14
N LYS B 218 28.30 7.74 21.03
CA LYS B 218 28.76 8.20 19.72
C LYS B 218 30.26 8.54 19.72
N GLN B 219 31.06 7.73 20.41
CA GLN B 219 32.50 7.93 20.48
C GLN B 219 33.16 6.78 19.73
N TRP B 220 33.39 6.97 18.43
CA TRP B 220 33.95 5.87 17.66
C TRP B 220 35.41 5.63 18.00
N ASP B 221 36.16 6.67 18.32
CA ASP B 221 37.56 6.49 18.68
C ASP B 221 37.70 5.65 19.94
N VAL B 222 36.83 5.88 20.92
CA VAL B 222 36.87 5.10 22.16
C VAL B 222 36.41 3.67 21.91
N VAL B 223 35.40 3.47 21.06
CA VAL B 223 34.98 2.12 20.70
C VAL B 223 36.12 1.38 20.02
N ASN B 224 36.84 2.07 19.14
CA ASN B 224 37.93 1.45 18.40
C ASN B 224 39.11 1.14 19.33
N TYR B 225 39.37 1.99 20.32
CA TYR B 225 40.41 1.67 21.28
C TYR B 225 40.02 0.49 22.16
N LEU B 226 38.75 0.43 22.57
CA LEU B 226 38.31 -0.69 23.39
C LEU B 226 38.30 -2.00 22.62
N LEU B 227 38.14 -1.92 21.29
CA LEU B 227 38.14 -3.13 20.47
C LEU B 227 39.53 -3.58 20.05
N GLU B 228 40.44 -2.65 19.71
CA GLU B 228 41.68 -3.03 19.05
C GLU B 228 42.94 -2.81 19.89
N ASN B 229 42.81 -2.53 21.18
CA ASN B 229 44.01 -2.35 21.98
C ASN B 229 44.68 -3.70 22.26
N PRO B 230 46.00 -3.71 22.45
CA PRO B 230 46.67 -4.98 22.74
C PRO B 230 46.55 -5.41 24.19
N HIS B 231 46.21 -4.49 25.09
CA HIS B 231 46.22 -4.77 26.52
C HIS B 231 45.01 -5.60 26.92
N GLN B 232 43.81 -5.09 26.68
CA GLN B 232 42.57 -5.76 27.08
C GLN B 232 41.45 -5.36 26.15
N PRO B 233 41.13 -6.18 25.15
CA PRO B 233 40.03 -5.84 24.23
C PRO B 233 38.68 -6.20 24.83
N ALA B 234 37.71 -5.31 24.62
CA ALA B 234 36.33 -5.59 24.99
C ALA B 234 35.68 -6.46 23.93
N SER B 235 34.84 -7.39 24.37
CA SER B 235 34.20 -8.31 23.46
C SER B 235 32.79 -7.84 23.13
N LEU B 236 32.40 -8.03 21.87
CA LEU B 236 31.07 -7.61 21.43
C LEU B 236 29.98 -8.56 21.92
N GLN B 237 30.36 -9.79 22.29
CA GLN B 237 29.41 -10.77 22.80
C GLN B 237 28.98 -10.47 24.22
N ALA B 238 29.61 -9.50 24.88
CA ALA B 238 29.39 -9.29 26.31
C ALA B 238 27.98 -8.78 26.59
N GLN B 239 27.42 -9.22 27.70
CA GLN B 239 26.05 -8.92 28.09
C GLN B 239 26.03 -8.18 29.43
N ASP B 240 24.90 -7.52 29.70
CA ASP B 240 24.68 -6.79 30.94
C ASP B 240 23.83 -7.64 31.89
N SER B 241 23.36 -7.03 32.98
CA SER B 241 22.53 -7.74 33.92
C SER B 241 21.18 -8.13 33.35
N LEU B 242 20.80 -7.56 32.20
CA LEU B 242 19.59 -7.93 31.49
C LEU B 242 19.84 -8.83 30.29
N GLY B 243 21.09 -9.21 30.05
CA GLY B 243 21.44 -10.07 28.93
C GLY B 243 21.65 -9.35 27.62
N ASN B 244 21.53 -8.03 27.59
CA ASN B 244 21.66 -7.27 26.36
C ASN B 244 23.11 -7.14 25.92
N THR B 245 23.35 -7.27 24.62
CA THR B 245 24.65 -6.96 24.05
C THR B 245 24.75 -5.46 23.81
N VAL B 246 25.79 -5.03 23.10
CA VAL B 246 25.87 -3.62 22.72
C VAL B 246 24.81 -3.28 21.67
N LEU B 247 24.38 -4.27 20.87
CA LEU B 247 23.37 -4.02 19.86
C LEU B 247 22.01 -3.76 20.48
N HIS B 248 21.64 -4.55 21.50
CA HIS B 248 20.41 -4.28 22.21
C HIS B 248 20.45 -2.90 22.85
N ALA B 249 21.64 -2.49 23.32
CA ALA B 249 21.79 -1.18 23.94
C ALA B 249 21.59 -0.08 22.92
N LEU B 250 22.09 -0.28 21.70
CA LEU B 250 21.85 0.70 20.64
C LEU B 250 20.39 0.75 20.25
N VAL B 251 19.69 -0.38 20.33
CA VAL B 251 18.26 -0.39 20.02
C VAL B 251 17.45 0.34 21.10
N MET B 252 17.82 0.16 22.36
CA MET B 252 17.03 0.72 23.46
C MET B 252 17.08 2.25 23.51
N ILE B 253 18.03 2.87 22.83
CA ILE B 253 18.26 4.31 22.84
C ILE B 253 17.85 4.99 21.54
N ALA B 254 16.86 4.44 20.83
CA ALA B 254 16.52 4.91 19.48
C ALA B 254 15.83 6.27 19.50
N ASP B 255 14.65 6.35 20.11
CA ASP B 255 13.87 7.57 20.25
C ASP B 255 13.39 8.13 18.91
N ASP B 256 13.65 7.40 17.84
CA ASP B 256 13.06 7.63 16.51
C ASP B 256 13.26 9.03 15.92
N SER B 257 14.17 9.83 16.46
CA SER B 257 14.47 11.09 15.80
C SER B 257 15.54 10.90 14.73
N ALA B 258 15.63 11.89 13.83
CA ALA B 258 16.56 11.78 12.71
C ALA B 258 18.00 11.85 13.17
N GLU B 259 18.33 12.87 13.97
CA GLU B 259 19.70 13.03 14.44
C GLU B 259 20.11 11.85 15.32
N ASN B 260 19.18 11.32 16.11
CA ASN B 260 19.47 10.14 16.91
C ASN B 260 19.63 8.90 16.05
N SER B 261 18.63 8.62 15.18
CA SER B 261 18.62 7.36 14.45
C SER B 261 19.75 7.26 13.43
N ALA B 262 20.19 8.37 12.86
CA ALA B 262 21.32 8.32 11.95
C ALA B 262 22.57 7.84 12.67
N LEU B 263 22.86 8.45 13.82
CA LEU B 263 24.00 8.02 14.63
C LEU B 263 23.84 6.57 15.06
N VAL B 264 22.62 6.17 15.44
CA VAL B 264 22.42 4.82 15.95
C VAL B 264 22.67 3.78 14.87
N VAL B 265 22.14 4.01 13.66
CA VAL B 265 22.34 3.03 12.59
C VAL B 265 23.79 3.04 12.13
N ARG B 266 24.46 4.19 12.16
CA ARG B 266 25.87 4.22 11.80
C ARG B 266 26.69 3.39 12.78
N MET B 267 26.44 3.58 14.07
CA MET B 267 27.16 2.82 15.08
C MET B 267 26.84 1.33 15.00
N TYR B 268 25.59 1.00 14.65
CA TYR B 268 25.18 -0.40 14.59
C TYR B 268 25.87 -1.12 13.43
N ASP B 269 25.89 -0.49 12.25
CA ASP B 269 26.58 -1.09 11.11
C ASP B 269 28.08 -1.13 11.33
N GLY B 270 28.64 -0.10 11.97
CA GLY B 270 30.07 -0.13 12.27
C GLY B 270 30.45 -1.25 13.21
N LEU B 271 29.61 -1.49 14.22
CA LEU B 271 29.86 -2.59 15.15
C LEU B 271 29.70 -3.94 14.47
N LEU B 272 28.76 -4.06 13.53
CA LEU B 272 28.65 -5.31 12.78
C LEU B 272 29.88 -5.56 11.92
N GLN B 273 30.41 -4.51 11.29
CA GLN B 273 31.62 -4.66 10.49
C GLN B 273 32.79 -5.05 11.38
N ALA B 274 32.94 -4.40 12.54
CA ALA B 274 34.02 -4.74 13.46
C ALA B 274 33.84 -6.15 14.01
N GLY B 275 32.60 -6.64 14.12
CA GLY B 275 32.38 -8.00 14.55
C GLY B 275 32.77 -9.00 13.48
N ALA B 276 32.50 -8.67 12.21
CA ALA B 276 32.96 -9.51 11.11
C ALA B 276 34.49 -9.55 11.09
N ARG B 277 35.12 -8.42 11.43
CA ARG B 277 36.59 -8.39 11.43
C ARG B 277 37.18 -9.16 12.60
N LEU B 278 36.60 -9.03 13.80
CA LEU B 278 37.22 -9.55 15.01
C LEU B 278 36.73 -10.94 15.39
N CYS B 279 35.44 -11.22 15.23
CA CYS B 279 34.86 -12.53 15.57
C CYS B 279 34.04 -13.05 14.40
N PRO B 280 34.69 -13.69 13.42
CA PRO B 280 34.00 -14.01 12.17
C PRO B 280 33.03 -15.18 12.27
N ASN B 281 33.31 -16.15 13.14
CA ASN B 281 32.49 -17.34 13.26
C ASN B 281 31.31 -17.18 14.20
N VAL B 282 30.96 -15.94 14.58
CA VAL B 282 29.91 -15.70 15.55
C VAL B 282 28.89 -14.74 14.95
N GLN B 283 27.63 -15.14 14.98
CA GLN B 283 26.52 -14.28 14.55
C GLN B 283 26.03 -13.50 15.76
N LEU B 284 26.40 -12.22 15.81
CA LEU B 284 26.09 -11.41 16.99
C LEU B 284 24.60 -11.14 17.12
N GLU B 285 23.89 -10.99 16.00
CA GLU B 285 22.46 -10.71 16.04
C GLU B 285 21.63 -11.90 16.51
N GLY B 286 22.23 -13.07 16.69
CA GLY B 286 21.51 -14.21 17.22
C GLY B 286 21.53 -14.31 18.72
N ILE B 287 22.32 -13.47 19.38
CA ILE B 287 22.48 -13.52 20.83
C ILE B 287 21.20 -13.04 21.50
N PRO B 288 20.56 -13.85 22.34
CA PRO B 288 19.36 -13.41 23.05
C PRO B 288 19.70 -12.76 24.39
N ASN B 289 18.78 -11.92 24.84
CA ASN B 289 18.91 -11.32 26.16
C ASN B 289 18.29 -12.27 27.19
N LEU B 290 18.13 -11.80 28.43
CA LEU B 290 17.58 -12.68 29.46
C LEU B 290 16.12 -13.02 29.18
N GLU B 291 15.41 -12.15 28.47
CA GLU B 291 14.05 -12.46 28.03
C GLU B 291 14.02 -13.26 26.74
N GLY B 292 15.18 -13.50 26.11
CA GLY B 292 15.23 -14.34 24.93
C GLY B 292 14.89 -13.62 23.65
N LEU B 293 15.48 -12.46 23.43
CA LEU B 293 15.20 -11.64 22.25
C LEU B 293 16.49 -11.30 21.52
N THR B 294 16.49 -11.52 20.21
CA THR B 294 17.52 -10.95 19.36
C THR B 294 17.30 -9.45 19.24
N PRO B 295 18.30 -8.69 18.78
CA PRO B 295 18.10 -7.24 18.63
C PRO B 295 16.93 -6.87 17.73
N LEU B 296 16.60 -7.69 16.72
CA LEU B 296 15.44 -7.39 15.88
C LEU B 296 14.14 -7.60 16.64
N LYS B 297 14.02 -8.71 17.37
CA LYS B 297 12.81 -8.94 18.17
C LYS B 297 12.66 -7.88 19.24
N LEU B 298 13.78 -7.41 19.81
CA LEU B 298 13.71 -6.37 20.83
C LEU B 298 13.33 -5.02 20.22
N ALA B 299 13.83 -4.73 19.00
CA ALA B 299 13.40 -3.52 18.31
C ALA B 299 11.93 -3.57 17.94
N ALA B 300 11.42 -4.76 17.65
CA ALA B 300 10.00 -4.91 17.35
C ALA B 300 9.16 -4.73 18.60
N LYS B 301 9.63 -5.24 19.74
CA LYS B 301 8.87 -5.12 20.97
C LYS B 301 8.93 -3.71 21.53
N GLU B 302 10.11 -3.10 21.54
CA GLU B 302 10.25 -1.75 22.09
C GLU B 302 9.76 -0.64 21.17
N GLY B 303 9.43 -0.95 19.92
CA GLY B 303 8.83 0.03 19.03
C GLY B 303 9.75 1.02 18.36
N LYS B 304 10.98 0.62 18.05
CA LYS B 304 11.92 1.50 17.36
C LYS B 304 11.74 1.33 15.85
N ILE B 305 11.26 2.38 15.18
CA ILE B 305 10.88 2.26 13.78
C ILE B 305 12.12 2.29 12.88
N GLU B 306 13.04 3.22 13.15
CA GLU B 306 14.09 3.50 12.18
C GLU B 306 15.10 2.37 12.11
N ILE B 307 15.51 1.83 13.27
CA ILE B 307 16.46 0.72 13.27
C ILE B 307 15.82 -0.54 12.71
N PHE B 308 14.55 -0.77 13.01
CA PHE B 308 13.84 -1.95 12.50
C PHE B 308 13.76 -1.90 10.98
N LYS B 309 13.30 -0.75 10.45
CA LYS B 309 13.23 -0.54 9.01
C LYS B 309 14.61 -0.64 8.36
N HIS B 310 15.65 -0.18 9.05
CA HIS B 310 17.00 -0.27 8.50
C HIS B 310 17.50 -1.71 8.45
N ILE B 311 17.25 -2.48 9.51
CA ILE B 311 17.73 -3.86 9.54
C ILE B 311 17.01 -4.68 8.48
N LEU B 312 15.72 -4.42 8.27
CA LEU B 312 15.00 -5.18 7.25
C LEU B 312 15.43 -4.78 5.84
N GLN B 313 15.81 -3.52 5.63
CA GLN B 313 16.25 -3.03 4.33
C GLN B 313 17.77 -2.84 4.28
N ARG B 314 18.52 -3.77 4.85
CA ARG B 314 19.97 -3.60 5.00
C ARG B 314 20.71 -4.28 3.85
N GLU B 315 21.59 -3.53 3.20
CA GLU B 315 22.47 -4.03 2.15
C GLU B 315 23.91 -3.65 2.47
N PHE B 316 24.82 -4.60 2.33
CA PHE B 316 26.26 -4.35 2.46
C PHE B 316 26.91 -4.66 1.12
N SER B 317 27.41 -3.62 0.45
CA SER B 317 28.17 -3.79 -0.78
C SER B 317 29.63 -4.14 -0.51
N ALA B 318 30.00 -4.33 0.75
CA ALA B 318 31.38 -4.54 1.16
C ALA B 318 31.76 -6.01 0.96
N PRO B 319 33.02 -6.38 1.22
CA PRO B 319 33.35 -7.82 1.26
C PRO B 319 32.61 -8.55 2.37
N CYS B 320 32.21 -7.86 3.44
CA CYS B 320 31.38 -8.47 4.47
C CYS B 320 29.90 -8.36 4.08
N GLN B 321 29.60 -8.91 2.89
CA GLN B 321 28.25 -8.85 2.35
C GLN B 321 27.29 -9.82 3.04
N SER B 322 27.81 -10.84 3.72
CA SER B 322 26.95 -11.81 4.38
C SER B 322 26.14 -11.21 5.51
N LEU B 323 26.54 -10.04 6.02
CA LEU B 323 25.79 -9.40 7.10
C LEU B 323 24.48 -8.80 6.63
N SER B 324 24.33 -8.55 5.33
CA SER B 324 23.14 -7.88 4.83
C SER B 324 21.94 -8.81 4.87
N ARG B 325 20.75 -8.20 4.78
CA ARG B 325 19.50 -8.94 4.67
C ARG B 325 18.72 -8.65 3.39
N LYS B 326 19.15 -7.70 2.57
CA LYS B 326 18.48 -7.36 1.32
C LYS B 326 19.40 -7.67 0.15
N PHE B 327 18.93 -8.53 -0.75
CA PHE B 327 19.65 -8.91 -1.95
C PHE B 327 18.77 -8.69 -3.17
N THR B 328 19.39 -8.69 -4.34
CA THR B 328 18.69 -8.54 -5.61
C THR B 328 18.88 -9.84 -6.38
N GLU B 329 17.78 -10.57 -6.59
CA GLU B 329 17.88 -11.88 -7.24
C GLU B 329 18.27 -11.73 -8.70
N TRP B 330 17.61 -10.81 -9.41
CA TRP B 330 17.97 -10.50 -10.78
C TRP B 330 17.38 -9.15 -11.15
N CYS B 331 18.08 -8.44 -12.03
CA CYS B 331 17.68 -7.13 -12.52
C CYS B 331 17.65 -7.20 -14.04
N TYR B 332 16.50 -6.88 -14.62
CA TYR B 332 16.30 -6.88 -16.06
C TYR B 332 15.62 -5.59 -16.47
N GLY B 333 16.36 -4.73 -17.17
CA GLY B 333 15.85 -3.45 -17.57
C GLY B 333 15.48 -2.62 -16.37
N PRO B 334 14.21 -2.22 -16.29
CA PRO B 334 13.76 -1.44 -15.13
C PRO B 334 13.31 -2.34 -13.98
N VAL B 335 12.92 -3.58 -14.27
CA VAL B 335 12.38 -4.46 -13.27
C VAL B 335 13.49 -5.20 -12.52
N ARG B 336 13.23 -5.51 -11.25
CA ARG B 336 14.16 -6.30 -10.46
C ARG B 336 13.37 -7.06 -9.40
N VAL B 337 13.95 -8.15 -8.93
CA VAL B 337 13.37 -8.93 -7.84
C VAL B 337 14.34 -8.88 -6.67
N SER B 338 13.92 -8.26 -5.57
CA SER B 338 14.74 -8.15 -4.39
C SER B 338 14.37 -9.25 -3.40
N LEU B 339 15.36 -9.71 -2.65
CA LEU B 339 15.16 -10.74 -1.63
C LEU B 339 15.32 -10.12 -0.24
N TYR B 340 14.36 -10.40 0.64
CA TYR B 340 14.47 -10.01 2.04
C TYR B 340 14.56 -11.26 2.89
N ASP B 341 15.50 -11.26 3.82
CA ASP B 341 15.67 -12.42 4.70
C ASP B 341 14.51 -12.51 5.68
N LEU B 342 14.15 -13.74 6.02
CA LEU B 342 13.05 -14.00 6.95
C LEU B 342 13.54 -14.80 8.15
N ALA B 343 14.66 -14.40 8.73
CA ALA B 343 15.26 -15.16 9.83
C ALA B 343 14.33 -15.19 11.04
N SER B 344 14.03 -14.02 11.58
CA SER B 344 13.11 -13.89 12.71
C SER B 344 11.73 -13.40 12.30
N VAL B 345 11.52 -13.08 11.03
CA VAL B 345 10.29 -12.42 10.60
C VAL B 345 9.16 -13.43 10.40
N ASP B 346 9.45 -14.55 9.75
CA ASP B 346 8.39 -15.49 9.38
C ASP B 346 7.75 -16.09 10.63
N SER B 347 6.43 -16.27 10.57
CA SER B 347 5.63 -16.75 11.70
C SER B 347 5.76 -18.25 11.92
N TRP B 348 6.71 -18.90 11.26
CA TRP B 348 6.92 -20.33 11.47
C TRP B 348 7.39 -20.65 12.89
N GLU B 349 8.53 -20.08 13.29
CA GLU B 349 9.10 -20.40 14.60
C GLU B 349 8.37 -19.64 15.71
N GLU B 350 8.66 -20.03 16.94
CA GLU B 350 8.08 -19.37 18.10
C GLU B 350 8.69 -17.98 18.27
N ASN B 351 7.87 -17.04 18.74
CA ASN B 351 8.30 -15.66 18.99
C ASN B 351 8.88 -15.02 17.74
N SER B 352 8.07 -15.01 16.68
CA SER B 352 8.46 -14.34 15.45
C SER B 352 8.30 -12.83 15.64
N VAL B 353 8.72 -12.05 14.65
CA VAL B 353 8.58 -10.60 14.74
C VAL B 353 7.11 -10.21 14.62
N LEU B 354 6.37 -10.86 13.72
CA LEU B 354 4.95 -10.58 13.58
C LEU B 354 4.19 -10.95 14.84
N GLU B 355 4.55 -12.09 15.44
CA GLU B 355 3.90 -12.53 16.66
C GLU B 355 4.17 -11.58 17.82
N ILE B 356 5.33 -10.93 17.82
CA ILE B 356 5.67 -9.99 18.89
C ILE B 356 5.03 -8.63 18.64
N ILE B 357 4.90 -8.21 17.38
CA ILE B 357 4.23 -6.95 17.08
C ILE B 357 2.73 -7.04 17.35
N ALA B 358 2.11 -8.16 16.98
CA ALA B 358 0.66 -8.27 17.14
C ALA B 358 0.25 -8.49 18.59
N PHE B 359 1.05 -9.24 19.36
CA PHE B 359 0.60 -9.74 20.65
C PHE B 359 1.41 -9.25 21.85
N HIS B 360 2.63 -8.74 21.65
CA HIS B 360 3.52 -8.49 22.78
C HIS B 360 3.92 -7.03 22.94
N SER B 361 4.20 -6.33 21.85
CA SER B 361 4.68 -4.95 21.96
C SER B 361 3.55 -3.99 22.36
N ARG B 362 3.90 -3.00 23.16
CA ARG B 362 2.99 -1.95 23.61
C ARG B 362 3.52 -0.61 23.11
N SER B 363 3.05 -0.17 21.94
CA SER B 363 3.46 1.10 21.37
C SER B 363 2.29 1.69 20.59
N PRO B 364 2.15 3.02 20.57
CA PRO B 364 1.05 3.62 19.81
C PRO B 364 1.27 3.64 18.31
N HIS B 365 2.52 3.55 17.84
CA HIS B 365 2.81 3.58 16.41
C HIS B 365 3.25 2.23 15.88
N ARG B 366 2.95 1.15 16.59
CA ARG B 366 3.36 -0.19 16.17
C ARG B 366 2.84 -0.52 14.78
N HIS B 367 1.64 -0.03 14.43
CA HIS B 367 1.06 -0.29 13.13
C HIS B 367 1.98 0.15 12.01
N ARG B 368 2.78 1.20 12.24
CA ARG B 368 3.71 1.67 11.21
C ARG B 368 4.64 0.56 10.75
N MET B 369 5.07 -0.31 11.67
CA MET B 369 6.00 -1.37 11.29
C MET B 369 5.38 -2.35 10.31
N VAL B 370 4.05 -2.44 10.25
CA VAL B 370 3.41 -3.31 9.28
C VAL B 370 3.43 -2.70 7.87
N VAL B 371 3.53 -1.37 7.78
CA VAL B 371 3.55 -0.72 6.47
C VAL B 371 4.88 -0.91 5.76
N LEU B 372 5.90 -1.38 6.48
CA LEU B 372 7.23 -1.53 5.93
C LEU B 372 7.27 -2.59 4.83
N GLU B 373 8.27 -2.45 3.95
CA GLU B 373 8.24 -3.13 2.65
C GLU B 373 8.25 -4.65 2.74
N PRO B 374 9.17 -5.30 3.47
CA PRO B 374 9.17 -6.77 3.44
C PRO B 374 7.98 -7.38 4.15
N LEU B 375 7.51 -6.78 5.24
CA LEU B 375 6.30 -7.25 5.90
C LEU B 375 5.05 -7.05 5.05
N ASN B 376 5.01 -5.98 4.25
CA ASN B 376 3.79 -5.63 3.53
C ASN B 376 3.40 -6.71 2.54
N LYS B 377 4.32 -7.10 1.65
CA LYS B 377 3.99 -8.12 0.65
C LYS B 377 3.73 -9.47 1.31
N LEU B 378 4.45 -9.78 2.39
CA LEU B 378 4.27 -11.06 3.06
C LEU B 378 2.88 -11.16 3.68
N LEU B 379 2.46 -10.13 4.41
CA LEU B 379 1.14 -10.15 5.02
C LEU B 379 0.02 -10.05 3.98
N GLN B 380 0.26 -9.33 2.87
CA GLN B 380 -0.76 -9.30 1.82
C GLN B 380 -0.94 -10.67 1.20
N ALA B 381 0.17 -11.38 0.92
CA ALA B 381 0.07 -12.72 0.36
C ALA B 381 -0.61 -13.67 1.33
N LYS B 382 -0.30 -13.56 2.62
CA LYS B 382 -0.93 -14.46 3.59
C LYS B 382 -2.41 -14.14 3.75
N TRP B 383 -2.79 -12.86 3.61
CA TRP B 383 -4.22 -12.52 3.62
C TRP B 383 -4.93 -13.07 2.39
N ASP B 384 -4.27 -13.00 1.23
CA ASP B 384 -4.86 -13.57 0.02
C ASP B 384 -4.98 -15.09 0.14
N ARG B 385 -4.08 -15.72 0.88
CA ARG B 385 -4.18 -17.16 1.11
C ARG B 385 -5.26 -17.51 2.13
N LEU B 386 -5.47 -16.67 3.14
CA LEU B 386 -6.40 -16.97 4.23
C LEU B 386 -7.75 -16.29 4.07
N ILE B 387 -8.02 -15.67 2.93
CA ILE B 387 -9.39 -15.20 2.63
C ILE B 387 -10.44 -16.30 2.81
N PRO B 388 -10.27 -17.51 2.25
CA PRO B 388 -11.38 -18.49 2.33
C PRO B 388 -11.69 -18.94 3.73
N ARG B 389 -10.69 -19.05 4.62
CA ARG B 389 -10.99 -19.37 6.02
C ARG B 389 -11.80 -18.25 6.68
N PHE B 390 -11.50 -17.00 6.32
CA PHE B 390 -12.26 -15.87 6.86
C PHE B 390 -13.71 -15.92 6.37
N CYS B 391 -13.92 -16.16 5.08
CA CYS B 391 -15.28 -16.22 4.57
C CYS B 391 -16.02 -17.45 5.07
N PHE B 392 -15.30 -18.54 5.33
CA PHE B 392 -15.91 -19.73 5.90
C PHE B 392 -16.39 -19.46 7.33
N ASN B 393 -15.55 -18.78 8.12
CA ASN B 393 -15.98 -18.39 9.46
C ASN B 393 -17.12 -17.38 9.41
N PHE B 394 -17.11 -16.49 8.42
CA PHE B 394 -18.22 -15.55 8.25
C PHE B 394 -19.52 -16.28 7.98
N LEU B 395 -19.50 -17.27 7.08
CA LEU B 395 -20.69 -18.03 6.78
C LEU B 395 -21.14 -18.86 7.97
N CYS B 396 -20.19 -19.45 8.70
CA CYS B 396 -20.55 -20.24 9.88
C CYS B 396 -21.18 -19.37 10.96
N TYR B 397 -20.62 -18.18 11.19
CA TYR B 397 -21.18 -17.29 12.21
C TYR B 397 -22.51 -16.71 11.76
N LEU B 398 -22.70 -16.53 10.45
CA LEU B 398 -23.98 -16.04 9.95
C LEU B 398 -25.06 -17.12 10.08
N VAL B 399 -24.69 -18.39 9.84
CA VAL B 399 -25.61 -19.48 10.09
C VAL B 399 -25.93 -19.58 11.58
N TYR B 400 -24.92 -19.38 12.43
CA TYR B 400 -25.14 -19.38 13.87
C TYR B 400 -26.13 -18.28 14.27
N MET B 401 -25.97 -17.08 13.72
CA MET B 401 -26.85 -15.98 14.06
C MET B 401 -28.25 -16.17 13.48
N LEU B 402 -28.35 -16.78 12.30
CA LEU B 402 -29.67 -17.11 11.74
C LEU B 402 -30.39 -18.14 12.59
N ILE B 403 -29.66 -19.16 13.04
CA ILE B 403 -30.28 -20.18 13.90
C ILE B 403 -30.67 -19.60 15.24
N PHE B 404 -29.85 -18.69 15.79
CA PHE B 404 -30.18 -18.08 17.07
C PHE B 404 -31.39 -17.15 16.94
N THR B 405 -31.49 -16.44 15.82
CA THR B 405 -32.64 -15.58 15.59
C THR B 405 -33.90 -16.41 15.37
N ALA B 406 -33.78 -17.54 14.68
CA ALA B 406 -34.94 -18.40 14.47
C ALA B 406 -35.40 -19.04 15.77
N VAL B 407 -34.45 -19.48 16.61
CA VAL B 407 -34.82 -20.05 17.90
C VAL B 407 -35.40 -18.97 18.82
N ALA B 408 -34.95 -17.72 18.67
CA ALA B 408 -35.51 -16.66 19.50
C ALA B 408 -36.92 -16.31 19.04
N TYR B 409 -37.14 -16.27 17.72
CA TYR B 409 -38.47 -15.95 17.21
C TYR B 409 -39.45 -17.08 17.49
N HIS B 410 -38.97 -18.32 17.50
CA HIS B 410 -39.83 -19.47 17.80
C HIS B 410 -40.06 -19.60 19.30
N ALA B 426 -42.40 -33.61 17.54
CA ALA B 426 -42.34 -33.35 16.10
C ALA B 426 -41.56 -32.06 15.83
N GLY B 427 -42.30 -30.98 15.54
CA GLY B 427 -41.66 -29.70 15.32
C GLY B 427 -41.05 -29.11 16.56
N ASN B 428 -41.67 -29.38 17.73
CA ASN B 428 -41.10 -28.91 18.99
C ASN B 428 -39.77 -29.60 19.27
N SER B 429 -39.64 -30.87 18.89
CA SER B 429 -38.36 -31.56 19.04
C SER B 429 -37.31 -30.96 18.13
N MET B 430 -37.69 -30.55 16.92
CA MET B 430 -36.74 -29.89 16.03
C MET B 430 -36.31 -28.54 16.58
N LEU B 431 -37.25 -27.78 17.16
CA LEU B 431 -36.90 -26.50 17.76
C LEU B 431 -35.99 -26.70 18.97
N LEU B 432 -36.24 -27.76 19.76
CA LEU B 432 -35.37 -28.06 20.89
C LEU B 432 -33.99 -28.47 20.43
N LEU B 433 -33.91 -29.21 19.33
CA LEU B 433 -32.61 -29.56 18.77
C LEU B 433 -31.87 -28.32 18.28
N GLY B 434 -32.60 -27.38 17.68
CA GLY B 434 -31.97 -26.13 17.28
C GLY B 434 -31.47 -25.32 18.46
N HIS B 435 -32.23 -25.30 19.55
CA HIS B 435 -31.79 -24.61 20.75
C HIS B 435 -30.57 -25.30 21.38
N ILE B 436 -30.54 -26.63 21.33
CA ILE B 436 -29.38 -27.37 21.81
C ILE B 436 -28.16 -27.07 20.94
N LEU B 437 -28.37 -26.93 19.64
CA LEU B 437 -27.28 -26.58 18.74
C LEU B 437 -26.75 -25.18 19.04
N ILE B 438 -27.66 -24.25 19.35
CA ILE B 438 -27.24 -22.90 19.73
C ILE B 438 -26.46 -22.94 21.03
N LEU B 439 -26.89 -23.76 21.98
CA LEU B 439 -26.17 -23.91 23.24
C LEU B 439 -24.79 -24.49 23.02
N LEU B 440 -24.67 -25.49 22.16
CA LEU B 440 -23.36 -26.08 21.87
C LEU B 440 -22.45 -25.09 21.17
N GLY B 441 -23.01 -24.29 20.26
CA GLY B 441 -22.21 -23.27 19.60
C GLY B 441 -21.73 -22.20 20.57
N GLY B 442 -22.59 -21.80 21.49
CA GLY B 442 -22.18 -20.84 22.51
C GLY B 442 -21.13 -21.41 23.45
N VAL B 443 -21.24 -22.70 23.78
CA VAL B 443 -20.23 -23.35 24.60
C VAL B 443 -18.90 -23.41 23.88
N TYR B 444 -18.93 -23.73 22.58
CA TYR B 444 -17.71 -23.75 21.79
C TYR B 444 -17.09 -22.36 21.71
N LEU B 445 -17.91 -21.32 21.55
CA LEU B 445 -17.38 -19.97 21.47
C LEU B 445 -16.79 -19.52 22.81
N LEU B 446 -17.43 -19.90 23.92
CA LEU B 446 -16.88 -19.54 25.22
C LEU B 446 -15.57 -20.27 25.51
N LEU B 447 -15.49 -21.55 25.13
CA LEU B 447 -14.23 -22.29 25.29
C LEU B 447 -13.16 -21.71 24.39
N GLY B 448 -13.52 -21.32 23.16
CA GLY B 448 -12.57 -20.70 22.27
C GLY B 448 -12.06 -19.37 22.80
N GLN B 449 -12.94 -18.59 23.43
CA GLN B 449 -12.51 -17.31 23.98
C GLN B 449 -11.65 -17.49 25.23
N LEU B 450 -11.95 -18.50 26.05
CA LEU B 450 -11.06 -18.79 27.17
C LEU B 450 -9.69 -19.22 26.67
N TRP B 451 -9.66 -20.05 25.63
CA TRP B 451 -8.40 -20.44 25.00
C TRP B 451 -7.71 -19.24 24.37
N TYR B 452 -8.48 -18.28 23.86
CA TYR B 452 -7.89 -17.08 23.27
C TYR B 452 -7.20 -16.23 24.33
N PHE B 453 -7.88 -15.98 25.45
CA PHE B 453 -7.27 -15.17 26.51
C PHE B 453 -6.14 -15.90 27.22
N TRP B 454 -6.14 -17.23 27.22
CA TRP B 454 -4.98 -17.94 27.76
C TRP B 454 -3.82 -17.93 26.76
N ARG B 455 -4.11 -18.15 25.48
CA ARG B 455 -3.06 -18.26 24.47
C ARG B 455 -2.45 -16.90 24.16
N ARG B 456 -3.28 -15.86 24.15
CA ARG B 456 -2.75 -14.51 23.99
C ARG B 456 -1.97 -14.15 25.25
N ARG B 457 -0.80 -13.54 25.07
CA ARG B 457 0.08 -13.30 26.22
C ARG B 457 -0.54 -12.29 27.17
N LEU B 458 -0.64 -12.68 28.44
CA LEU B 458 -1.15 -11.82 29.51
C LEU B 458 -2.50 -11.20 29.12
N PHE B 459 -3.38 -12.05 28.59
CA PHE B 459 -4.70 -11.62 28.10
C PHE B 459 -4.57 -10.49 27.08
N ILE B 460 -3.59 -10.63 26.18
CA ILE B 460 -3.29 -9.66 25.14
C ILE B 460 -3.10 -8.28 25.78
N TRP B 461 -2.36 -8.24 26.89
CA TRP B 461 -2.12 -7.01 27.63
C TRP B 461 -3.42 -6.31 27.99
N ILE B 462 -4.37 -7.10 28.50
CA ILE B 462 -5.70 -6.63 28.87
C ILE B 462 -6.38 -5.96 27.69
N SER B 463 -6.01 -6.32 26.46
CA SER B 463 -6.69 -5.80 25.30
C SER B 463 -6.67 -4.27 25.24
N PHE B 464 -5.55 -3.67 25.67
CA PHE B 464 -5.34 -2.23 25.80
C PHE B 464 -6.16 -1.36 24.86
N MET B 465 -6.24 -1.73 23.59
CA MET B 465 -7.00 -0.91 22.66
C MET B 465 -8.01 -1.68 21.80
N ASP B 466 -7.51 -2.30 20.73
CA ASP B 466 -8.38 -2.90 19.70
C ASP B 466 -9.14 -4.15 20.16
N SER B 467 -8.52 -4.97 21.03
CA SER B 467 -9.02 -6.27 21.47
C SER B 467 -10.21 -6.18 22.44
N TYR B 468 -10.62 -4.99 22.87
CA TYR B 468 -11.81 -4.91 23.73
C TYR B 468 -13.00 -5.60 23.06
N PHE B 469 -13.02 -5.62 21.72
CA PHE B 469 -14.04 -6.33 20.97
C PHE B 469 -14.07 -7.81 21.29
N GLU B 470 -12.89 -8.41 21.48
CA GLU B 470 -12.84 -9.84 21.79
C GLU B 470 -13.40 -10.14 23.17
N ILE B 471 -13.19 -9.24 24.14
CA ILE B 471 -13.81 -9.41 25.45
C ILE B 471 -15.32 -9.19 25.34
N LEU B 472 -15.76 -8.33 24.42
CA LEU B 472 -17.19 -8.19 24.18
C LEU B 472 -17.78 -9.49 23.64
N PHE B 473 -17.08 -10.14 22.72
CA PHE B 473 -17.52 -11.44 22.21
C PHE B 473 -17.52 -12.48 23.33
N LEU B 474 -16.56 -12.40 24.24
CA LEU B 474 -16.53 -13.30 25.39
C LEU B 474 -17.76 -13.08 26.26
N LEU B 475 -18.14 -11.82 26.47
CA LEU B 475 -19.34 -11.52 27.23
C LEU B 475 -20.59 -12.05 26.54
N GLN B 476 -20.63 -11.97 25.21
CA GLN B 476 -21.77 -12.51 24.46
C GLN B 476 -21.87 -14.01 24.63
N ALA B 477 -20.75 -14.71 24.51
CA ALA B 477 -20.76 -16.17 24.70
C ALA B 477 -21.11 -16.54 26.14
N LEU B 478 -20.66 -15.75 27.10
CA LEU B 478 -20.99 -15.99 28.50
C LEU B 478 -22.48 -15.81 28.73
N LEU B 479 -23.08 -14.80 28.10
CA LEU B 479 -24.53 -14.62 28.21
C LEU B 479 -25.28 -15.76 27.53
N THR B 480 -24.77 -16.29 26.43
CA THR B 480 -25.41 -17.46 25.82
C THR B 480 -25.40 -18.65 26.78
N VAL B 481 -24.25 -18.91 27.40
CA VAL B 481 -24.15 -20.06 28.28
C VAL B 481 -24.98 -19.84 29.55
N LEU B 482 -25.04 -18.59 30.03
CA LEU B 482 -25.85 -18.30 31.21
C LEU B 482 -27.34 -18.39 30.90
N SER B 483 -27.75 -18.01 29.69
CA SER B 483 -29.15 -18.18 29.30
C SER B 483 -29.50 -19.66 29.19
N GLN B 484 -28.57 -20.48 28.69
CA GLN B 484 -28.83 -21.91 28.66
C GLN B 484 -28.93 -22.49 30.07
N VAL B 485 -28.09 -22.01 30.98
CA VAL B 485 -28.13 -22.49 32.36
C VAL B 485 -29.41 -22.05 33.05
N LEU B 486 -29.90 -20.85 32.72
CA LEU B 486 -31.16 -20.38 33.30
C LEU B 486 -32.35 -21.11 32.69
N CYS B 487 -32.24 -21.54 31.44
CA CYS B 487 -33.30 -22.36 30.86
C CYS B 487 -33.32 -23.76 31.45
N PHE B 488 -32.15 -24.28 31.84
CA PHE B 488 -32.13 -25.56 32.54
C PHE B 488 -32.75 -25.46 33.92
N LEU B 489 -32.55 -24.34 34.60
CA LEU B 489 -33.13 -24.10 35.92
C LEU B 489 -34.51 -23.45 35.87
N ALA B 490 -34.96 -23.01 34.70
CA ALA B 490 -36.28 -22.38 34.52
C ALA B 490 -36.44 -21.15 35.41
N ILE B 491 -35.45 -20.26 35.34
CA ILE B 491 -35.48 -19.02 36.11
C ILE B 491 -36.33 -17.97 35.41
N GLU B 492 -36.66 -16.90 36.11
CA GLU B 492 -37.49 -15.83 35.57
C GLU B 492 -36.72 -14.85 34.68
N TRP B 493 -35.40 -14.91 34.68
CA TRP B 493 -34.55 -14.00 33.92
C TRP B 493 -33.99 -14.65 32.66
N TYR B 494 -34.62 -15.73 32.20
CA TYR B 494 -34.10 -16.44 31.03
C TYR B 494 -34.34 -15.64 29.76
N LEU B 495 -35.58 -15.23 29.51
CA LEU B 495 -35.87 -14.53 28.25
C LEU B 495 -35.17 -13.18 28.10
N PRO B 496 -34.89 -12.39 29.16
CA PRO B 496 -34.06 -11.20 28.95
C PRO B 496 -32.65 -11.52 28.48
N LEU B 497 -31.93 -12.35 29.23
CA LEU B 497 -30.53 -12.62 28.93
C LEU B 497 -30.36 -13.21 27.54
N LEU B 498 -31.20 -14.19 27.19
CA LEU B 498 -31.16 -14.74 25.84
C LEU B 498 -31.29 -13.65 24.79
N VAL B 499 -32.24 -12.73 24.99
CA VAL B 499 -32.42 -11.62 24.06
C VAL B 499 -31.14 -10.80 23.98
N SER B 500 -30.51 -10.57 25.15
CA SER B 500 -29.23 -9.88 25.16
C SER B 500 -28.19 -10.62 24.32
N SER B 501 -28.15 -11.94 24.45
CA SER B 501 -27.18 -12.72 23.69
C SER B 501 -27.46 -12.66 22.20
N LEU B 502 -28.66 -12.24 21.81
CA LEU B 502 -28.90 -11.92 20.41
C LEU B 502 -28.34 -10.53 20.07
N VAL B 503 -28.68 -9.53 20.88
CA VAL B 503 -28.45 -8.15 20.50
C VAL B 503 -26.96 -7.88 20.36
N LEU B 504 -26.19 -8.20 21.42
CA LEU B 504 -24.74 -8.08 21.34
C LEU B 504 -24.20 -8.90 20.18
N GLY B 505 -24.80 -10.07 19.95
CA GLY B 505 -24.37 -10.89 18.82
C GLY B 505 -24.54 -10.17 17.49
N TRP B 506 -25.66 -9.45 17.33
CA TRP B 506 -25.88 -8.71 16.10
C TRP B 506 -24.90 -7.55 15.95
N LEU B 507 -24.24 -7.14 17.04
CA LEU B 507 -23.13 -6.21 16.92
C LEU B 507 -21.84 -6.92 16.56
N ASN B 508 -21.65 -8.15 17.04
CA ASN B 508 -20.35 -8.82 16.88
C ASN B 508 -20.11 -9.26 15.45
N LEU B 509 -21.17 -9.45 14.65
CA LEU B 509 -20.98 -9.68 13.22
C LEU B 509 -20.24 -8.52 12.58
N LEU B 510 -20.36 -7.32 13.17
CA LEU B 510 -19.62 -6.15 12.73
C LEU B 510 -18.12 -6.41 12.66
N TYR B 511 -17.62 -7.37 13.44
CA TYR B 511 -16.23 -7.80 13.32
C TYR B 511 -15.83 -8.02 11.86
N TYR B 512 -16.63 -8.80 11.14
CA TYR B 512 -16.28 -9.19 9.79
C TYR B 512 -16.28 -8.02 8.81
N THR B 513 -16.85 -6.87 9.19
CA THR B 513 -16.76 -5.74 8.26
C THR B 513 -15.35 -5.17 8.20
N ARG B 514 -14.42 -5.66 9.02
CA ARG B 514 -13.01 -5.36 8.79
C ARG B 514 -12.52 -5.89 7.45
N GLY B 515 -13.21 -6.87 6.87
CA GLY B 515 -12.87 -7.37 5.56
C GLY B 515 -13.32 -6.45 4.44
N PHE B 516 -13.15 -6.95 3.21
CA PHE B 516 -13.65 -6.35 1.97
C PHE B 516 -12.95 -5.04 1.61
N GLN B 517 -11.89 -4.68 2.34
CA GLN B 517 -10.89 -3.72 1.88
C GLN B 517 -11.40 -2.28 1.81
N HIS B 518 -12.70 -2.07 2.01
CA HIS B 518 -13.26 -0.72 2.01
C HIS B 518 -14.01 -0.41 3.29
N THR B 519 -14.88 -1.32 3.74
CA THR B 519 -15.56 -1.16 5.02
C THR B 519 -14.63 -1.35 6.22
N GLY B 520 -13.42 -1.85 6.00
CA GLY B 520 -12.47 -1.98 7.10
C GLY B 520 -12.06 -0.64 7.69
N ILE B 521 -11.76 0.34 6.83
CA ILE B 521 -11.42 1.66 7.34
C ILE B 521 -12.62 2.29 8.03
N TYR B 522 -13.83 2.02 7.52
CA TYR B 522 -15.04 2.47 8.20
C TYR B 522 -15.15 1.84 9.58
N SER B 523 -14.78 0.56 9.70
CA SER B 523 -14.82 -0.10 11.00
C SER B 523 -13.77 0.49 11.95
N VAL B 524 -12.61 0.87 11.41
CA VAL B 524 -11.59 1.51 12.25
C VAL B 524 -12.11 2.85 12.76
N MET B 525 -12.72 3.64 11.86
CA MET B 525 -13.29 4.92 12.28
C MET B 525 -14.42 4.72 13.28
N ILE B 526 -15.22 3.66 13.10
CA ILE B 526 -16.34 3.40 14.00
C ILE B 526 -15.83 2.99 15.37
N GLN B 527 -14.76 2.21 15.42
CA GLN B 527 -14.19 1.82 16.71
C GLN B 527 -13.55 3.01 17.41
N LYS B 528 -12.90 3.89 16.64
CA LYS B 528 -12.35 5.11 17.23
C LYS B 528 -13.46 6.05 17.71
N VAL B 529 -14.61 6.05 17.03
CA VAL B 529 -15.72 6.90 17.45
C VAL B 529 -16.39 6.34 18.70
N ILE B 530 -16.57 5.02 18.75
CA ILE B 530 -17.17 4.41 19.93
C ILE B 530 -16.17 4.43 21.09
N LEU B 531 -14.89 4.66 20.79
CA LEU B 531 -13.89 4.91 21.81
C LEU B 531 -14.15 6.25 22.49
N ARG B 532 -14.66 7.22 21.72
CA ARG B 532 -14.87 8.58 22.19
C ARG B 532 -16.32 8.89 22.53
N ASP B 533 -17.28 8.17 21.93
CA ASP B 533 -18.68 8.44 22.24
C ASP B 533 -19.05 7.96 23.63
N LEU B 534 -18.65 6.73 23.99
CA LEU B 534 -19.08 6.15 25.25
C LEU B 534 -18.47 6.85 26.45
N LEU B 535 -17.26 7.39 26.32
CA LEU B 535 -16.63 8.02 27.48
C LEU B 535 -17.26 9.38 27.80
N ARG B 536 -17.24 10.31 26.84
CA ARG B 536 -17.76 11.65 27.10
C ARG B 536 -19.22 11.84 26.69
N PHE B 537 -19.56 11.41 25.46
CA PHE B 537 -20.89 11.65 24.94
C PHE B 537 -21.95 10.89 25.72
N LEU B 538 -21.66 9.64 26.09
CA LEU B 538 -22.64 8.86 26.86
C LEU B 538 -22.86 9.48 28.23
N LEU B 539 -21.79 9.97 28.87
CA LEU B 539 -21.94 10.58 30.18
C LEU B 539 -22.75 11.86 30.11
N VAL B 540 -22.44 12.73 29.13
CA VAL B 540 -23.17 13.99 29.02
C VAL B 540 -24.62 13.74 28.64
N TYR B 541 -24.86 12.76 27.77
CA TYR B 541 -26.22 12.45 27.35
C TYR B 541 -27.03 11.83 28.48
N LEU B 542 -26.38 11.01 29.31
CA LEU B 542 -27.06 10.43 30.47
C LEU B 542 -27.39 11.50 31.50
N VAL B 543 -26.47 12.44 31.74
CA VAL B 543 -26.75 13.52 32.68
C VAL B 543 -27.88 14.39 32.16
N PHE B 544 -27.88 14.67 30.85
CA PHE B 544 -28.95 15.47 30.27
C PHE B 544 -30.28 14.76 30.34
N LEU B 545 -30.29 13.44 30.16
CA LEU B 545 -31.54 12.69 30.25
C LEU B 545 -32.08 12.67 31.67
N PHE B 546 -31.19 12.54 32.66
CA PHE B 546 -31.63 12.61 34.05
C PHE B 546 -32.19 13.99 34.39
N GLY B 547 -31.53 15.04 33.92
CA GLY B 547 -32.03 16.38 34.16
C GLY B 547 -33.38 16.63 33.51
N PHE B 548 -33.54 16.16 32.26
CA PHE B 548 -34.80 16.37 31.56
C PHE B 548 -35.93 15.56 32.20
N ALA B 549 -35.63 14.33 32.65
CA ALA B 549 -36.66 13.53 33.29
C ALA B 549 -37.05 14.10 34.64
N VAL B 550 -36.10 14.66 35.38
CA VAL B 550 -36.44 15.30 36.64
C VAL B 550 -37.24 16.58 36.41
N ALA B 551 -36.92 17.32 35.34
CA ALA B 551 -37.72 18.50 35.01
C ALA B 551 -39.14 18.10 34.62
N LEU B 552 -39.28 16.99 33.91
CA LEU B 552 -40.61 16.52 33.53
C LEU B 552 -41.39 16.04 34.76
N VAL B 553 -40.72 15.40 35.71
CA VAL B 553 -41.39 14.95 36.92
C VAL B 553 -41.75 16.13 37.81
N SER B 554 -41.00 17.23 37.71
CA SER B 554 -41.38 18.44 38.42
C SER B 554 -42.56 19.12 37.75
N LEU B 555 -42.62 19.06 36.41
CA LEU B 555 -43.72 19.67 35.69
C LEU B 555 -45.02 18.88 35.86
N SER B 556 -44.92 17.57 36.02
CA SER B 556 -46.12 16.73 36.18
C SER B 556 -46.71 16.89 37.57
N ARG B 557 -45.93 16.64 38.61
CA ARG B 557 -46.41 16.73 39.98
C ARG B 557 -45.85 17.97 40.67
N SER B 589 -42.12 5.33 38.37
CA SER B 589 -42.30 5.52 36.93
C SER B 589 -41.33 6.57 36.39
N ILE B 590 -40.21 6.75 37.09
CA ILE B 590 -39.21 7.72 36.64
C ILE B 590 -38.47 7.18 35.43
N LEU B 591 -38.25 5.86 35.46
CA LEU B 591 -37.59 5.13 34.40
C LEU B 591 -38.45 5.24 33.14
N ASP B 592 -39.77 5.16 33.32
CA ASP B 592 -40.70 5.29 32.20
C ASP B 592 -40.57 6.70 31.62
N ALA B 593 -40.47 7.69 32.51
CA ALA B 593 -40.30 9.08 32.11
C ALA B 593 -38.98 9.25 31.38
N SER B 594 -37.94 8.57 31.86
CA SER B 594 -36.62 8.61 31.24
C SER B 594 -36.70 8.02 29.84
N LEU B 595 -37.46 6.93 29.68
CA LEU B 595 -37.66 6.27 28.40
C LEU B 595 -38.37 7.22 27.45
N GLU B 596 -39.35 7.93 27.97
CA GLU B 596 -40.10 8.90 27.21
C GLU B 596 -39.11 9.95 26.76
N LEU B 597 -38.20 10.28 27.66
CA LEU B 597 -37.15 11.26 27.37
C LEU B 597 -36.25 10.74 26.25
N PHE B 598 -35.95 9.44 26.29
CA PHE B 598 -35.11 8.83 25.26
C PHE B 598 -35.82 8.92 23.90
N LYS B 599 -37.12 8.67 23.90
CA LYS B 599 -37.92 8.75 22.68
C LYS B 599 -37.91 10.18 22.15
N PHE B 600 -38.02 11.13 23.06
CA PHE B 600 -38.00 12.55 22.76
C PHE B 600 -36.67 12.98 22.14
N THR B 601 -35.61 12.35 22.62
CA THR B 601 -34.27 12.69 22.17
C THR B 601 -34.14 12.45 20.68
N ILE B 602 -34.69 11.34 20.19
CA ILE B 602 -34.62 11.09 18.77
C ILE B 602 -35.88 11.61 18.10
N GLY B 603 -37.03 11.32 18.71
CA GLY B 603 -38.28 11.77 18.18
C GLY B 603 -38.40 13.27 18.16
N PHE B 615 -46.43 27.70 32.78
CA PHE B 615 -45.83 26.36 32.86
C PHE B 615 -45.60 25.80 31.47
N ARG B 616 -46.49 26.15 30.54
CA ARG B 616 -46.35 25.67 29.17
C ARG B 616 -45.18 26.34 28.45
N GLY B 617 -45.06 27.66 28.59
CA GLY B 617 -43.93 28.36 28.00
C GLY B 617 -42.61 27.97 28.61
N VAL B 618 -42.60 27.68 29.91
CA VAL B 618 -41.37 27.22 30.55
C VAL B 618 -40.99 25.85 30.02
N VAL B 619 -41.98 25.00 29.75
CA VAL B 619 -41.69 23.71 29.15
C VAL B 619 -41.18 23.89 27.73
N LEU B 620 -41.70 24.88 27.01
CA LEU B 620 -41.19 25.16 25.67
C LEU B 620 -39.74 25.62 25.72
N LEU B 621 -39.40 26.44 26.72
CA LEU B 621 -38.01 26.89 26.85
C LEU B 621 -37.09 25.75 27.24
N LEU B 622 -37.57 24.84 28.10
CA LEU B 622 -36.76 23.67 28.47
C LEU B 622 -36.55 22.76 27.27
N LEU B 623 -37.59 22.54 26.47
CA LEU B 623 -37.44 21.70 25.29
C LEU B 623 -36.54 22.35 24.25
N LEU B 624 -36.62 23.68 24.11
CA LEU B 624 -35.75 24.38 23.16
C LEU B 624 -34.29 24.31 23.61
N ALA B 625 -34.05 24.48 24.91
CA ALA B 625 -32.68 24.36 25.41
C ALA B 625 -32.16 22.94 25.26
N TYR B 626 -33.05 21.95 25.46
CA TYR B 626 -32.65 20.55 25.27
C TYR B 626 -32.33 20.26 23.82
N VAL B 627 -33.11 20.80 22.88
CA VAL B 627 -32.81 20.62 21.46
C VAL B 627 -31.50 21.31 21.11
N LEU B 628 -31.24 22.46 21.72
CA LEU B 628 -29.98 23.15 21.50
C LEU B 628 -28.81 22.32 22.04
N LEU B 629 -29.01 21.66 23.18
CA LEU B 629 -27.96 20.79 23.72
C LEU B 629 -27.72 19.59 22.82
N THR B 630 -28.79 19.03 22.26
CA THR B 630 -28.63 17.93 21.31
C THR B 630 -27.87 18.39 20.07
N TYR B 631 -28.16 19.60 19.59
CA TYR B 631 -27.43 20.13 18.45
C TYR B 631 -25.98 20.39 18.79
N VAL B 632 -25.72 20.84 20.02
CA VAL B 632 -24.34 21.08 20.44
C VAL B 632 -23.55 19.77 20.51
N LEU B 633 -24.18 18.71 21.02
CA LEU B 633 -23.49 17.42 21.06
C LEU B 633 -23.27 16.86 19.66
N LEU B 634 -24.25 17.04 18.76
CA LEU B 634 -24.06 16.62 17.38
C LEU B 634 -22.94 17.40 16.71
N LEU B 635 -22.85 18.70 16.99
CA LEU B 635 -21.78 19.51 16.43
C LEU B 635 -20.43 19.14 17.03
N ASN B 636 -20.40 18.71 18.29
CA ASN B 636 -19.13 18.29 18.87
C ASN B 636 -18.69 16.96 18.26
N MET B 637 -19.64 16.08 17.93
CA MET B 637 -19.25 14.85 17.25
C MET B 637 -18.84 15.14 15.81
N LEU B 638 -19.39 16.19 15.21
CA LEU B 638 -18.93 16.59 13.88
C LEU B 638 -17.56 17.22 13.94
N ILE B 639 -17.23 17.90 15.04
CA ILE B 639 -15.92 18.48 15.20
C ILE B 639 -14.89 17.38 15.46
N ALA B 640 -15.28 16.34 16.18
CA ALA B 640 -14.40 15.19 16.35
C ALA B 640 -14.15 14.50 15.02
N LEU B 641 -15.20 14.36 14.19
CA LEU B 641 -15.00 13.79 12.87
C LEU B 641 -14.13 14.68 12.00
N MET B 642 -14.23 16.01 12.15
CA MET B 642 -13.40 16.91 11.39
C MET B 642 -11.94 16.83 11.83
N SER B 643 -11.70 16.64 13.13
CA SER B 643 -10.34 16.45 13.61
C SER B 643 -9.77 15.13 13.09
N GLU B 644 -10.62 14.10 13.02
CA GLU B 644 -10.22 12.83 12.42
C GLU B 644 -10.03 12.96 10.91
N THR B 645 -10.62 13.98 10.29
CA THR B 645 -10.55 14.22 8.85
C THR B 645 -9.20 14.74 8.38
N VAL B 646 -8.29 15.11 9.29
CA VAL B 646 -6.97 15.56 8.86
C VAL B 646 -6.27 14.46 8.07
N ASN B 647 -5.47 14.88 7.08
CA ASN B 647 -4.80 13.95 6.18
C ASN B 647 -3.77 13.08 6.90
N SER B 648 -3.19 13.57 7.99
CA SER B 648 -2.17 12.78 8.68
C SER B 648 -2.80 11.57 9.36
N VAL B 649 -4.08 11.64 9.70
CA VAL B 649 -4.76 10.54 10.38
C VAL B 649 -5.20 9.46 9.41
N ALA B 650 -5.38 9.78 8.12
CA ALA B 650 -5.92 8.82 7.17
C ALA B 650 -4.93 7.68 6.91
N THR B 651 -3.66 8.02 6.70
CA THR B 651 -2.66 6.98 6.52
C THR B 651 -2.49 6.15 7.78
N ASP B 652 -2.70 6.76 8.95
CA ASP B 652 -2.51 6.02 10.20
C ASP B 652 -3.69 5.08 10.42
N SER B 653 -4.89 5.52 10.03
CA SER B 653 -6.05 4.64 10.14
C SER B 653 -5.96 3.49 9.15
N TRP B 654 -5.44 3.76 7.95
CA TRP B 654 -5.21 2.68 6.99
C TRP B 654 -4.20 1.68 7.54
N SER B 655 -3.17 2.19 8.21
CA SER B 655 -2.19 1.30 8.83
C SER B 655 -2.82 0.47 9.95
N ILE B 656 -3.76 1.07 10.69
CA ILE B 656 -4.43 0.32 11.76
C ILE B 656 -5.33 -0.77 11.16
N TRP B 657 -5.93 -0.51 10.00
CA TRP B 657 -6.69 -1.57 9.32
C TRP B 657 -5.76 -2.69 8.86
N LYS B 658 -4.59 -2.33 8.32
CA LYS B 658 -3.62 -3.35 7.95
C LYS B 658 -3.20 -4.17 9.16
N LEU B 659 -3.05 -3.51 10.32
CA LEU B 659 -2.73 -4.21 11.55
C LEU B 659 -3.83 -5.18 11.95
N GLN B 660 -5.09 -4.77 11.83
CA GLN B 660 -6.19 -5.66 12.18
C GLN B 660 -6.21 -6.89 11.27
N LYS B 661 -5.99 -6.67 9.97
CA LYS B 661 -5.94 -7.79 9.04
C LYS B 661 -4.78 -8.72 9.37
N ALA B 662 -3.65 -8.16 9.80
CA ALA B 662 -2.49 -8.97 10.15
C ALA B 662 -2.76 -9.80 11.40
N ILE B 663 -3.43 -9.20 12.39
CA ILE B 663 -3.79 -9.94 13.60
C ILE B 663 -4.72 -11.10 13.25
N SER B 664 -5.67 -10.85 12.35
CA SER B 664 -6.55 -11.94 11.93
C SER B 664 -5.76 -13.04 11.21
N VAL B 665 -4.80 -12.65 10.37
CA VAL B 665 -3.97 -13.62 9.65
C VAL B 665 -3.19 -14.47 10.64
N LEU B 666 -2.63 -13.85 11.68
CA LEU B 666 -1.85 -14.61 12.65
C LEU B 666 -2.74 -15.54 13.47
N GLU B 667 -3.94 -15.08 13.85
CA GLU B 667 -4.83 -15.96 14.60
C GLU B 667 -5.30 -17.13 13.74
N MET B 668 -5.46 -16.92 12.43
CA MET B 668 -5.82 -18.04 11.55
C MET B 668 -4.64 -18.99 11.35
N GLU B 669 -3.42 -18.45 11.30
CA GLU B 669 -2.23 -19.29 11.20
C GLU B 669 -1.97 -20.07 12.47
N ASN B 670 -2.50 -19.59 13.61
CA ASN B 670 -2.38 -20.33 14.85
C ASN B 670 -3.10 -21.67 14.74
N GLY B 671 -4.32 -21.66 14.21
CA GLY B 671 -5.09 -22.86 14.01
C GLY B 671 -6.11 -23.08 15.11
N TYR B 672 -7.12 -23.90 14.79
CA TYR B 672 -8.13 -24.29 15.75
C TYR B 672 -7.55 -25.30 16.75
N TRP B 673 -8.41 -25.90 17.55
CA TRP B 673 -7.99 -26.96 18.47
C TRP B 673 -8.67 -28.30 18.17
N ARG B 677 -3.92 -25.75 11.45
CA ARG B 677 -3.03 -26.88 11.67
C ARG B 677 -1.59 -26.40 11.82
N LYS B 678 -0.64 -27.21 11.34
CA LYS B 678 0.76 -26.80 11.33
C LYS B 678 0.97 -25.71 10.29
N LYS B 679 1.85 -24.77 10.60
CA LYS B 679 2.05 -23.60 9.74
C LYS B 679 2.80 -24.00 8.47
N GLN B 680 2.94 -23.03 7.58
CA GLN B 680 3.66 -23.19 6.32
C GLN B 680 4.54 -21.97 6.12
N ARG B 681 5.85 -22.18 5.99
CA ARG B 681 6.72 -21.05 5.66
C ARG B 681 6.35 -20.51 4.28
N ALA B 682 6.39 -19.19 4.16
CA ALA B 682 6.04 -18.52 2.92
C ALA B 682 7.25 -18.22 2.03
N GLY B 683 8.44 -18.12 2.60
CA GLY B 683 9.62 -17.86 1.81
C GLY B 683 10.18 -19.09 1.11
N VAL B 684 11.20 -18.85 0.30
CA VAL B 684 11.90 -19.89 -0.44
C VAL B 684 13.35 -19.87 0.02
N MET B 685 13.88 -21.02 0.42
CA MET B 685 15.26 -21.08 0.89
C MET B 685 16.19 -21.01 -0.31
N LEU B 686 17.16 -20.08 -0.26
CA LEU B 686 18.04 -19.84 -1.39
C LEU B 686 19.47 -19.71 -0.89
N THR B 687 20.41 -20.10 -1.74
CA THR B 687 21.84 -19.99 -1.46
C THR B 687 22.29 -18.60 -1.90
N VAL B 688 22.53 -17.72 -0.94
CA VAL B 688 22.79 -16.32 -1.26
C VAL B 688 24.25 -16.11 -1.65
N GLY B 689 25.18 -16.80 -0.99
CA GLY B 689 26.59 -16.61 -1.29
C GLY B 689 27.52 -17.49 -0.48
N THR B 690 28.69 -16.96 -0.14
CA THR B 690 29.67 -17.68 0.67
C THR B 690 29.88 -16.98 2.00
N ARG B 691 30.01 -17.77 3.05
CA ARG B 691 30.33 -17.29 4.39
C ARG B 691 31.83 -17.03 4.46
N PRO B 692 32.34 -16.57 5.61
CA PRO B 692 33.79 -16.71 5.85
C PRO B 692 34.25 -18.16 5.79
N ASP B 693 33.44 -19.07 6.30
CA ASP B 693 33.62 -20.50 6.04
C ASP B 693 33.46 -20.80 4.54
N GLY B 694 34.00 -21.93 4.13
CA GLY B 694 33.76 -22.38 2.77
C GLY B 694 32.31 -22.75 2.52
N SER B 695 31.55 -23.04 3.58
CA SER B 695 30.17 -23.44 3.42
C SER B 695 29.33 -22.26 2.93
N PRO B 696 28.38 -22.49 2.02
CA PRO B 696 27.49 -21.41 1.59
C PRO B 696 26.39 -21.12 2.61
N ASP B 697 26.06 -19.85 2.75
CA ASP B 697 24.95 -19.43 3.60
C ASP B 697 23.66 -19.50 2.79
N GLU B 698 22.77 -20.42 3.16
CA GLU B 698 21.47 -20.56 2.51
C GLU B 698 20.40 -20.18 3.53
N ARG B 699 19.55 -19.23 3.14
CA ARG B 699 18.58 -18.63 4.05
C ARG B 699 17.25 -18.47 3.34
N TRP B 700 16.19 -18.45 4.15
CA TRP B 700 14.82 -18.35 3.65
C TRP B 700 14.55 -16.92 3.24
N CYS B 701 14.57 -16.66 1.93
CA CYS B 701 14.34 -15.33 1.42
C CYS B 701 12.92 -15.22 0.88
N PHE B 702 12.34 -14.03 1.00
CA PHE B 702 11.04 -13.70 0.43
C PHE B 702 11.28 -12.68 -0.66
N ARG B 703 10.73 -12.94 -1.85
CA ARG B 703 10.99 -12.10 -3.01
C ARG B 703 9.91 -11.03 -3.16
N VAL B 704 10.35 -9.84 -3.52
CA VAL B 704 9.48 -8.68 -3.72
C VAL B 704 9.87 -8.05 -5.06
N GLY B 705 8.89 -7.89 -5.94
CA GLY B 705 9.14 -7.26 -7.21
C GLY B 705 9.19 -5.76 -7.12
N GLU B 706 10.04 -5.16 -7.95
CA GLU B 706 10.22 -3.72 -7.99
C GLU B 706 10.39 -3.30 -9.45
N MET B 707 9.98 -2.06 -9.74
CA MET B 707 10.19 -1.47 -11.06
C MET B 707 10.58 -0.01 -10.87
N ASN B 708 11.79 0.33 -11.32
CA ASN B 708 12.34 1.66 -11.18
C ASN B 708 12.73 2.16 -12.56
N TRP B 709 12.20 3.31 -12.96
CA TRP B 709 12.53 3.91 -14.24
C TRP B 709 13.70 4.87 -14.17
N ALA B 710 14.32 5.02 -13.00
CA ALA B 710 15.45 5.91 -12.80
C ALA B 710 16.76 5.15 -12.64
N THR B 711 16.74 3.84 -12.90
CA THR B 711 17.92 3.00 -12.70
C THR B 711 18.91 3.09 -13.86
N TRP B 712 18.61 3.91 -14.88
CA TRP B 712 19.47 3.95 -16.05
C TRP B 712 20.69 4.83 -15.83
N GLU B 713 20.55 5.91 -15.06
CA GLU B 713 21.70 6.71 -14.67
C GLU B 713 22.46 6.10 -13.49
N GLN B 714 21.78 5.34 -12.64
CA GLN B 714 22.39 4.75 -11.46
C GLN B 714 23.24 3.55 -11.81
N THR B 715 24.09 3.16 -10.85
CA THR B 715 24.95 1.99 -11.02
C THR B 715 24.16 0.71 -10.74
N LEU B 716 24.47 -0.32 -11.50
CA LEU B 716 23.78 -1.60 -11.35
C LEU B 716 24.24 -2.34 -10.11
N PRO B 717 23.33 -2.91 -9.32
CA PRO B 717 23.73 -3.66 -8.14
C PRO B 717 24.16 -5.08 -8.50
N ARG B 718 24.86 -5.70 -7.56
CA ARG B 718 25.30 -7.08 -7.76
C ARG B 718 24.10 -8.02 -7.67
N THR B 719 24.02 -8.94 -8.62
CA THR B 719 22.89 -9.87 -8.71
C THR B 719 23.33 -11.27 -8.30
N LEU B 720 22.40 -12.03 -7.74
CA LEU B 720 22.65 -13.44 -7.46
C LEU B 720 22.59 -14.25 -8.74
N CYS B 721 21.50 -14.13 -9.48
CA CYS B 721 21.37 -14.75 -10.79
C CYS B 721 21.65 -13.69 -11.85
N GLU B 722 22.49 -14.05 -12.83
CA GLU B 722 22.75 -13.12 -13.92
C GLU B 722 21.56 -13.04 -14.87
N GLU B 723 20.77 -14.11 -14.93
CA GLU B 723 19.62 -14.25 -15.79
C GLU B 723 18.37 -14.48 -14.95
N PRO B 724 17.24 -13.88 -15.32
CA PRO B 724 16.00 -14.12 -14.55
C PRO B 724 15.54 -15.57 -14.64
N SER B 725 15.70 -16.32 -13.56
CA SER B 725 15.37 -17.74 -13.52
C SER B 725 14.34 -17.97 -12.42
N GLY B 726 13.30 -18.74 -12.73
CA GLY B 726 12.24 -19.07 -11.79
C GLY B 726 11.60 -17.82 -11.20
CA CA C . -35.58 14.36 13.68
#